data_9MFF
#
_entry.id   9MFF
#
_cell.length_a   1.00
_cell.length_b   1.00
_cell.length_c   1.00
_cell.angle_alpha   90.00
_cell.angle_beta   90.00
_cell.angle_gamma   90.00
#
_symmetry.space_group_name_H-M   'P 1'
#
loop_
_entity.id
_entity.type
_entity.pdbx_description
1 polymer 'Proton channel OTOP1'
2 non-polymer 'CHOLESTEROL HEMISUCCINATE'
3 non-polymer 4-methyl-N-{2-[(2-methylprop-2-en-1-yl)oxy]phenyl}-1H-imidazole-5-carboxamide
4 non-polymer CHOLESTEROL
#
_entity_poly.entity_id   1
_entity_poly.type   'polypeptide(L)'
_entity_poly.pdbx_seq_one_letter_code
;GPVEHGGTDSMWLNKYNPAAASSASSSSSSDAENKLFSRLKVSLTKKYPQKNAELLSAQYGTNLLLLGVSVMLALAAQSG
PVKEEHLLSFITVLMLVQLVWMLCYMIRRERERSPVPERDAHAGASWIRGGLTMLALLSLIMDAFRIGYFVGYHSCISAA
LGVYPIVHALHTISQVHFLWFHIKDVIKKYETFERFGVIHAVFTNLLLWCNGVMSETEHFMHNHRRRLIEMGYANLSTVD
VQPHCNCTTSVCSMFSTSLYYLYPFNIEYHIFVSAMLFVMWKNIGRTLDRHSNRKRRSTGSTGLLLGPLGGLVALASSVS
VLVVYLIHLEKTEEMHEAAVSMFYYYGVAMMACMCVGSGTGLLVYRMENRPMDTGSNPARTLDTELLLASSLGSWLMSWC
SVVASVAEAGQKSPSFSWTSLTYSLLLVLEKCIQNLFIVESLYRRHSEEEEDAAAPQVFSVAVPPYDGILNHGYEAHDKH
REAEPAAGSHALSRKQPDAPLPAGQRLDVTPGRKRQILKNICMFLFMCNISLWILPAFGCRPQYDNPLENETFGTSVWTT
VLNVAIPLNLFYRMHSVASLFEVFRKV
;
_entity_poly.pdbx_strand_id   A,B
#
loop_
_chem_comp.id
_chem_comp.type
_chem_comp.name
_chem_comp.formula
A1BKU non-polymer 4-methyl-N-{2-[(2-methylprop-2-en-1-yl)oxy]phenyl}-1H-imidazole-5-carboxamide 'C15 H17 N3 O2'
CLR non-polymer CHOLESTEROL 'C27 H46 O'
Y01 non-polymer 'CHOLESTEROL HEMISUCCINATE' 'C31 H50 O4'
#
# COMPACT_ATOMS: atom_id res chain seq x y z
N TYR A 48 2.01 4.60 31.92
CA TYR A 48 1.56 3.75 30.82
C TYR A 48 2.76 3.36 29.94
N PRO A 49 3.02 2.05 29.75
CA PRO A 49 4.16 1.65 28.89
C PRO A 49 4.16 2.33 27.53
N GLN A 50 5.36 2.59 27.04
CA GLN A 50 5.50 3.31 25.77
C GLN A 50 5.08 2.45 24.59
N LYS A 51 5.63 1.22 24.49
CA LYS A 51 5.26 0.33 23.40
C LYS A 51 3.74 0.17 23.29
N ASN A 52 3.07 -0.03 24.44
CA ASN A 52 1.62 -0.15 24.47
C ASN A 52 0.94 0.95 23.67
N ALA A 53 1.47 2.18 23.78
CA ALA A 53 0.91 3.32 23.09
C ALA A 53 1.35 3.35 21.63
N GLU A 54 2.64 3.10 21.37
CA GLU A 54 3.11 3.03 19.98
C GLU A 54 2.28 2.02 19.17
N LEU A 55 1.77 0.98 19.83
CA LEU A 55 1.01 -0.07 19.16
C LEU A 55 -0.47 0.30 19.08
N LEU A 56 -1.04 0.83 20.16
CA LEU A 56 -2.46 1.14 20.15
C LEU A 56 -2.76 2.29 19.22
N SER A 57 -1.85 3.28 19.16
CA SER A 57 -1.98 4.38 18.23
C SER A 57 -1.99 3.87 16.80
N ALA A 58 -1.08 2.95 16.47
CA ALA A 58 -1.01 2.41 15.12
C ALA A 58 -2.27 1.62 14.80
N GLN A 59 -2.79 0.86 15.77
CA GLN A 59 -3.97 0.06 15.48
C GLN A 59 -5.18 0.95 15.28
N TYR A 60 -5.32 1.99 16.11
CA TYR A 60 -6.42 2.93 15.96
C TYR A 60 -6.35 3.63 14.60
N GLY A 61 -5.15 4.07 14.21
CA GLY A 61 -5.00 4.73 12.92
C GLY A 61 -5.33 3.82 11.75
N THR A 62 -4.86 2.57 11.82
CA THR A 62 -5.13 1.63 10.74
C THR A 62 -6.62 1.31 10.66
N ASN A 63 -7.29 1.20 11.80
CA ASN A 63 -8.73 0.97 11.79
C ASN A 63 -9.46 2.17 11.21
N LEU A 64 -9.00 3.37 11.52
CA LEU A 64 -9.57 4.58 10.92
C LEU A 64 -9.45 4.56 9.40
N LEU A 65 -8.27 4.21 8.90
CA LEU A 65 -8.06 4.16 7.45
C LEU A 65 -8.95 3.10 6.81
N LEU A 66 -9.07 1.94 7.44
CA LEU A 66 -9.86 0.87 6.84
C LEU A 66 -11.35 1.17 6.90
N LEU A 67 -11.81 1.88 7.93
CA LEU A 67 -13.21 2.33 7.95
C LEU A 67 -13.46 3.33 6.82
N GLY A 68 -12.53 4.25 6.61
CA GLY A 68 -12.67 5.18 5.50
C GLY A 68 -12.70 4.47 4.16
N VAL A 69 -11.80 3.51 3.98
CA VAL A 69 -11.76 2.74 2.73
C VAL A 69 -13.05 1.97 2.54
N SER A 70 -13.62 1.44 3.63
CA SER A 70 -14.88 0.72 3.53
C SER A 70 -16.00 1.64 3.06
N VAL A 71 -16.06 2.86 3.60
CA VAL A 71 -17.09 3.80 3.15
C VAL A 71 -16.86 4.16 1.68
N MET A 72 -15.61 4.30 1.25
CA MET A 72 -15.38 4.64 -0.15
C MET A 72 -15.71 3.46 -1.05
N LEU A 73 -15.50 2.23 -0.59
CA LEU A 73 -15.93 1.07 -1.37
C LEU A 73 -17.44 1.03 -1.50
N ALA A 74 -18.16 1.31 -0.41
CA ALA A 74 -19.61 1.38 -0.48
C ALA A 74 -20.08 2.46 -1.42
N LEU A 75 -19.30 3.54 -1.55
CA LEU A 75 -19.66 4.62 -2.48
C LEU A 75 -19.39 4.21 -3.92
N ALA A 76 -18.21 3.63 -4.18
CA ALA A 76 -17.78 3.27 -5.53
C ALA A 76 -18.82 2.44 -6.29
N ALA A 77 -19.62 1.66 -5.56
CA ALA A 77 -20.59 0.77 -6.19
C ALA A 77 -21.62 1.55 -6.99
N GLN A 78 -22.11 2.66 -6.45
CA GLN A 78 -23.06 3.61 -7.04
C GLN A 78 -24.48 3.09 -6.98
N SER A 79 -24.73 1.91 -6.40
CA SER A 79 -26.07 1.38 -6.19
C SER A 79 -26.36 1.08 -4.73
N GLY A 80 -25.35 1.18 -3.86
CA GLY A 80 -25.54 0.99 -2.44
C GLY A 80 -26.23 2.21 -1.85
N PRO A 81 -26.78 2.11 -0.64
CA PRO A 81 -27.35 3.31 -0.02
C PRO A 81 -26.33 4.41 0.21
N VAL A 82 -25.06 4.04 0.39
CA VAL A 82 -23.99 5.00 0.69
C VAL A 82 -23.82 5.93 -0.51
N LYS A 83 -24.10 7.20 -0.30
CA LYS A 83 -23.95 8.28 -1.27
C LYS A 83 -22.80 9.19 -0.84
N GLU A 84 -22.46 10.14 -1.71
CA GLU A 84 -21.26 10.94 -1.48
C GLU A 84 -21.36 11.77 -0.20
N GLU A 85 -22.51 12.40 0.05
CA GLU A 85 -22.63 13.27 1.21
C GLU A 85 -22.34 12.56 2.52
N HIS A 86 -22.51 11.23 2.55
CA HIS A 86 -22.12 10.44 3.72
C HIS A 86 -20.61 10.39 3.87
N LEU A 87 -19.88 10.24 2.77
CA LEU A 87 -18.43 10.28 2.86
C LEU A 87 -17.97 11.66 3.31
N LEU A 88 -18.51 12.70 2.67
CA LEU A 88 -18.11 14.06 3.03
C LEU A 88 -18.38 14.33 4.50
N SER A 89 -19.48 13.79 5.04
CA SER A 89 -19.81 13.95 6.45
C SER A 89 -18.85 13.17 7.34
N PHE A 90 -18.44 11.98 6.90
CA PHE A 90 -17.48 11.20 7.67
C PHE A 90 -16.15 11.94 7.76
N ILE A 91 -15.67 12.46 6.62
CA ILE A 91 -14.41 13.18 6.62
C ILE A 91 -14.55 14.51 7.37
N THR A 92 -15.73 15.12 7.36
CA THR A 92 -15.93 16.34 8.14
C THR A 92 -15.81 16.03 9.63
N VAL A 93 -16.35 14.90 10.07
CA VAL A 93 -16.20 14.51 11.46
C VAL A 93 -14.74 14.22 11.77
N LEU A 94 -14.02 13.66 10.80
CA LEU A 94 -12.64 13.28 11.04
C LEU A 94 -11.71 14.49 11.00
N MET A 95 -12.17 15.60 10.45
CA MET A 95 -11.42 16.85 10.45
C MET A 95 -11.78 17.64 11.71
N LEU A 96 -13.03 17.55 12.14
CA LEU A 96 -13.46 18.23 13.35
C LEU A 96 -12.74 17.66 14.57
N VAL A 97 -12.71 16.33 14.70
CA VAL A 97 -11.98 15.71 15.81
C VAL A 97 -10.53 16.16 15.83
N GLN A 98 -9.91 16.32 14.65
CA GLN A 98 -8.52 16.74 14.62
C GLN A 98 -8.39 18.20 15.05
N LEU A 99 -9.37 19.02 14.69
CA LEU A 99 -9.35 20.42 15.14
C LEU A 99 -9.48 20.50 16.65
N VAL A 100 -10.36 19.67 17.22
CA VAL A 100 -10.50 19.63 18.68
C VAL A 100 -9.19 19.20 19.31
N TRP A 101 -8.51 18.22 18.71
CA TRP A 101 -7.25 17.77 19.29
C TRP A 101 -6.23 18.90 19.23
N MET A 102 -6.08 19.55 18.09
CA MET A 102 -5.06 20.57 17.95
C MET A 102 -5.36 21.75 18.87
N LEU A 103 -6.64 22.03 19.10
CA LEU A 103 -7.02 23.07 20.06
C LEU A 103 -6.56 22.73 21.47
N CYS A 104 -6.86 21.50 21.94
CA CYS A 104 -6.34 21.10 23.24
C CYS A 104 -4.82 21.16 23.27
N TYR A 105 -4.17 20.70 22.20
CA TYR A 105 -2.71 20.67 22.16
C TYR A 105 -2.13 22.07 22.34
N MET A 106 -2.69 23.05 21.63
CA MET A 106 -2.22 24.42 21.78
C MET A 106 -2.56 25.00 23.14
N ILE A 107 -3.62 24.49 23.79
CA ILE A 107 -3.90 24.92 25.14
C ILE A 107 -2.80 24.41 26.09
N ARG A 108 -2.47 23.12 25.98
CA ARG A 108 -1.50 22.52 26.88
C ARG A 108 -0.07 22.95 26.59
N ARG A 109 0.23 23.39 25.36
CA ARG A 109 1.60 23.71 25.01
C ARG A 109 2.06 25.03 25.63
N GLU A 110 1.12 25.90 26.01
CA GLU A 110 1.48 27.18 26.62
C GLU A 110 1.94 26.98 28.07
N ARG A 111 1.43 25.97 28.74
CA ARG A 111 1.75 25.71 30.14
C ARG A 111 2.93 24.75 30.24
N ALA A 125 14.37 20.96 5.74
CA ALA A 125 14.74 22.23 6.35
C ALA A 125 13.64 23.25 6.06
N SER A 126 13.99 24.49 5.72
CA SER A 126 12.98 25.47 5.33
C SER A 126 12.31 25.10 4.00
N TRP A 127 12.96 24.27 3.19
CA TRP A 127 12.40 23.88 1.91
C TRP A 127 11.06 23.17 2.08
N ILE A 128 10.97 22.28 3.07
CA ILE A 128 9.76 21.47 3.26
C ILE A 128 8.67 22.23 4.00
N ARG A 129 9.03 23.23 4.78
CA ARG A 129 8.03 24.03 5.46
C ARG A 129 7.48 25.09 4.51
N GLY A 130 8.34 25.71 3.71
CA GLY A 130 7.85 26.65 2.73
C GLY A 130 7.01 25.95 1.68
N GLY A 131 7.39 24.73 1.29
CA GLY A 131 6.57 23.98 0.37
C GLY A 131 5.21 23.64 0.93
N LEU A 132 5.17 23.22 2.19
CA LEU A 132 3.87 22.92 2.81
C LEU A 132 3.02 24.17 2.94
N THR A 133 3.62 25.31 3.31
CA THR A 133 2.84 26.54 3.42
C THR A 133 2.30 27.00 2.07
N MET A 134 3.05 26.81 0.99
CA MET A 134 2.56 27.30 -0.31
C MET A 134 1.53 26.36 -0.90
N LEU A 135 1.61 25.08 -0.58
CA LEU A 135 0.59 24.16 -1.05
C LEU A 135 -0.66 24.25 -0.20
N ALA A 136 -0.51 24.62 1.07
CA ALA A 136 -1.67 24.85 1.91
C ALA A 136 -2.37 26.14 1.53
N LEU A 137 -1.62 27.15 1.08
CA LEU A 137 -2.27 28.40 0.66
C LEU A 137 -2.96 28.24 -0.69
N LEU A 138 -2.45 27.37 -1.56
CA LEU A 138 -3.21 27.07 -2.78
C LEU A 138 -4.46 26.26 -2.44
N SER A 139 -4.37 25.32 -1.51
CA SER A 139 -5.57 24.58 -1.09
C SER A 139 -6.58 25.53 -0.46
N LEU A 140 -6.12 26.51 0.31
CA LEU A 140 -7.03 27.48 0.91
C LEU A 140 -7.70 28.36 -0.15
N ILE A 141 -6.97 28.72 -1.21
CA ILE A 141 -7.62 29.48 -2.28
C ILE A 141 -8.70 28.63 -2.94
N MET A 142 -8.44 27.34 -3.10
CA MET A 142 -9.46 26.45 -3.65
C MET A 142 -10.68 26.39 -2.74
N ASP A 143 -10.45 26.33 -1.42
CA ASP A 143 -11.57 26.26 -0.50
C ASP A 143 -12.37 27.55 -0.49
N ALA A 144 -11.69 28.70 -0.57
CA ALA A 144 -12.39 29.97 -0.68
C ALA A 144 -13.29 30.01 -1.91
N PHE A 145 -12.79 29.53 -3.05
CA PHE A 145 -13.64 29.38 -4.23
C PHE A 145 -14.84 28.47 -3.97
N ARG A 146 -14.65 27.35 -3.29
CA ARG A 146 -15.78 26.47 -3.01
C ARG A 146 -16.79 27.10 -2.05
N ILE A 147 -16.33 27.84 -1.04
CA ILE A 147 -17.26 28.54 -0.16
C ILE A 147 -18.04 29.60 -0.94
N GLY A 148 -17.38 30.27 -1.88
CA GLY A 148 -18.08 31.24 -2.70
C GLY A 148 -19.16 30.59 -3.55
N TYR A 149 -18.83 29.44 -4.16
CA TYR A 149 -19.84 28.71 -4.91
C TYR A 149 -21.01 28.35 -4.01
N PHE A 150 -20.74 27.71 -2.87
CA PHE A 150 -21.82 27.29 -1.98
C PHE A 150 -22.74 28.46 -1.68
N VAL A 151 -22.14 29.60 -1.31
CA VAL A 151 -22.92 30.78 -0.93
C VAL A 151 -23.81 31.22 -2.08
N GLY A 152 -23.27 31.24 -3.29
CA GLY A 152 -24.10 31.62 -4.43
C GLY A 152 -25.18 30.61 -4.79
N TYR A 153 -24.86 29.32 -4.71
CA TYR A 153 -25.75 28.24 -5.15
C TYR A 153 -26.32 27.35 -4.03
N HIS A 154 -26.30 27.80 -2.76
CA HIS A 154 -26.79 27.01 -1.58
C HIS A 154 -27.30 25.58 -1.75
N ALA A 159 -26.04 20.60 1.19
CA ALA A 159 -25.90 20.90 2.61
C ALA A 159 -24.50 20.52 3.08
N ALA A 160 -24.11 19.26 2.87
CA ALA A 160 -22.78 18.83 3.27
C ALA A 160 -21.70 19.47 2.42
N LEU A 161 -22.02 19.87 1.19
CA LEU A 161 -21.04 20.54 0.33
C LEU A 161 -20.80 21.98 0.74
N GLY A 162 -21.55 22.51 1.70
CA GLY A 162 -21.31 23.84 2.22
C GLY A 162 -20.53 23.78 3.52
N VAL A 163 -20.84 22.75 4.33
CA VAL A 163 -20.19 22.60 5.62
C VAL A 163 -18.84 21.93 5.47
N TYR A 164 -18.58 21.23 4.36
CA TYR A 164 -17.26 20.64 4.16
C TYR A 164 -16.21 21.70 3.89
N PRO A 165 -16.31 22.52 2.80
CA PRO A 165 -15.32 23.60 2.58
C PRO A 165 -14.91 24.45 3.78
N ILE A 166 -15.81 24.68 4.74
CA ILE A 166 -15.49 25.57 5.85
C ILE A 166 -14.70 24.82 6.91
N VAL A 167 -15.01 23.55 7.12
CA VAL A 167 -14.22 22.78 8.08
C VAL A 167 -12.90 22.39 7.43
N HIS A 168 -12.85 22.37 6.10
CA HIS A 168 -11.60 22.07 5.43
C HIS A 168 -10.66 23.27 5.51
N ALA A 169 -11.20 24.48 5.33
CA ALA A 169 -10.37 25.67 5.45
C ALA A 169 -9.86 25.83 6.88
N LEU A 170 -10.73 25.61 7.87
CA LEU A 170 -10.28 25.67 9.26
C LEU A 170 -9.23 24.60 9.54
N HIS A 171 -9.41 23.40 8.96
CA HIS A 171 -8.46 22.32 9.16
C HIS A 171 -7.11 22.68 8.56
N THR A 172 -7.09 23.28 7.37
CA THR A 172 -5.82 23.64 6.76
C THR A 172 -5.13 24.77 7.51
N ILE A 173 -5.89 25.75 8.00
CA ILE A 173 -5.29 26.83 8.78
C ILE A 173 -4.68 26.27 10.06
N SER A 174 -5.46 25.46 10.79
CA SER A 174 -4.95 24.88 12.03
C SER A 174 -3.75 23.98 11.78
N GLN A 175 -3.75 23.26 10.65
CA GLN A 175 -2.67 22.34 10.38
C GLN A 175 -1.38 23.06 10.00
N VAL A 176 -1.49 24.17 9.26
CA VAL A 176 -0.31 24.98 8.98
C VAL A 176 0.22 25.56 10.28
N HIS A 177 -0.67 26.11 11.11
CA HIS A 177 -0.24 26.71 12.37
C HIS A 177 0.35 25.66 13.30
N PHE A 178 -0.06 24.41 13.17
CA PHE A 178 0.47 23.33 14.00
C PHE A 178 1.85 22.91 13.51
N LEU A 179 1.98 22.67 12.20
CA LEU A 179 3.26 22.21 11.68
C LEU A 179 4.33 23.27 11.90
N TRP A 180 3.95 24.55 11.79
CA TRP A 180 4.94 25.61 11.95
C TRP A 180 5.48 25.63 13.37
N PHE A 181 4.57 25.72 14.34
CA PHE A 181 4.90 25.86 15.76
C PHE A 181 4.72 24.54 16.50
N HIS A 182 5.51 23.53 16.15
CA HIS A 182 5.52 22.26 16.86
C HIS A 182 6.86 22.04 17.54
N ILE A 183 6.83 21.57 18.78
CA ILE A 183 8.00 21.39 19.64
C ILE A 183 8.09 19.92 20.00
N LYS A 184 9.29 19.35 19.87
CA LYS A 184 9.50 17.95 20.20
C LYS A 184 9.62 17.81 21.72
N ASP A 185 8.76 16.98 22.31
CA ASP A 185 8.78 16.73 23.74
C ASP A 185 8.03 15.44 24.08
N LYS A 188 7.02 15.77 27.27
CA LYS A 188 7.36 14.35 27.38
C LYS A 188 6.30 13.59 28.17
N LYS A 189 5.62 14.29 29.09
CA LYS A 189 4.56 13.66 29.87
C LYS A 189 3.43 13.19 28.98
N TYR A 190 3.07 14.00 27.98
CA TYR A 190 1.95 13.70 27.07
C TYR A 190 2.52 13.09 25.80
N GLU A 191 2.77 11.77 25.85
CA GLU A 191 3.19 11.02 24.68
C GLU A 191 2.07 10.20 24.05
N THR A 192 1.14 9.68 24.85
CA THR A 192 0.00 8.97 24.28
C THR A 192 -0.92 9.93 23.54
N PHE A 193 -1.13 11.12 24.11
CA PHE A 193 -1.94 12.15 23.47
C PHE A 193 -1.36 12.52 22.10
N GLU A 194 -0.05 12.79 22.06
CA GLU A 194 0.60 13.15 20.80
C GLU A 194 0.56 11.99 19.82
N ARG A 195 0.74 10.77 20.30
CA ARG A 195 0.70 9.62 19.38
C ARG A 195 -0.68 9.50 18.74
N PHE A 196 -1.73 9.50 19.56
CA PHE A 196 -3.06 9.28 18.99
C PHE A 196 -3.49 10.45 18.12
N GLY A 197 -2.89 11.62 18.32
CA GLY A 197 -3.35 12.77 17.58
C GLY A 197 -2.61 12.89 16.27
N VAL A 198 -1.32 12.59 16.27
CA VAL A 198 -0.59 12.61 15.02
C VAL A 198 -1.06 11.46 14.14
N ILE A 199 -1.40 10.31 14.71
CA ILE A 199 -1.85 9.23 13.84
C ILE A 199 -3.24 9.55 13.27
N HIS A 200 -4.09 10.22 14.07
CA HIS A 200 -5.35 10.71 13.52
C HIS A 200 -5.13 11.69 12.39
N ALA A 201 -4.14 12.57 12.54
CA ALA A 201 -3.87 13.55 11.49
C ALA A 201 -3.35 12.87 10.23
N VAL A 202 -2.49 11.86 10.38
CA VAL A 202 -1.94 11.16 9.23
C VAL A 202 -3.04 10.51 8.43
N PHE A 203 -3.92 9.76 9.11
CA PHE A 203 -4.91 9.03 8.32
C PHE A 203 -6.09 9.89 7.94
N THR A 204 -6.29 11.04 8.59
CA THR A 204 -7.32 11.96 8.11
C THR A 204 -6.84 12.64 6.84
N ASN A 205 -5.53 12.88 6.75
CA ASN A 205 -4.98 13.49 5.55
C ASN A 205 -4.93 12.47 4.42
N LEU A 206 -4.71 11.20 4.75
CA LEU A 206 -4.75 10.17 3.71
C LEU A 206 -6.17 10.03 3.17
N LEU A 207 -7.16 10.01 4.06
CA LEU A 207 -8.54 9.86 3.59
C LEU A 207 -8.96 11.08 2.79
N LEU A 208 -8.41 12.26 3.11
CA LEU A 208 -8.70 13.44 2.31
C LEU A 208 -8.04 13.36 0.95
N TRP A 209 -6.83 12.81 0.90
CA TRP A 209 -6.18 12.54 -0.39
C TRP A 209 -7.01 11.58 -1.22
N CYS A 210 -7.52 10.51 -0.60
CA CYS A 210 -8.34 9.54 -1.31
C CYS A 210 -9.63 10.17 -1.81
N ASN A 211 -10.26 11.00 -0.98
CA ASN A 211 -11.48 11.68 -1.39
C ASN A 211 -11.21 12.60 -2.57
N GLY A 212 -10.10 13.34 -2.54
CA GLY A 212 -9.78 14.20 -3.66
C GLY A 212 -9.53 13.41 -4.94
N VAL A 213 -8.77 12.32 -4.84
CA VAL A 213 -8.46 11.51 -6.01
C VAL A 213 -9.72 10.89 -6.60
N MET A 214 -10.67 10.49 -5.75
CA MET A 214 -11.86 9.77 -6.22
C MET A 214 -12.98 10.70 -6.69
N SER A 215 -13.04 11.92 -6.16
CA SER A 215 -14.16 12.82 -6.41
C SER A 215 -13.89 13.80 -7.55
N GLU A 216 -12.63 14.07 -7.87
CA GLU A 216 -12.30 14.84 -9.06
C GLU A 216 -12.45 14.05 -10.35
N THR A 217 -12.65 12.74 -10.28
CA THR A 217 -12.91 11.94 -11.46
C THR A 217 -14.17 12.48 -12.15
N SER A 253 -19.10 29.70 -14.27
CA SER A 253 -18.31 30.89 -14.58
C SER A 253 -16.83 30.61 -14.32
N MET A 254 -16.26 31.14 -13.24
CA MET A 254 -14.86 30.93 -12.89
C MET A 254 -14.66 29.81 -11.87
N PHE A 255 -15.73 29.09 -11.51
CA PHE A 255 -15.66 28.01 -10.54
C PHE A 255 -15.35 26.66 -11.19
N SER A 256 -15.35 26.59 -12.51
CA SER A 256 -14.96 25.36 -13.21
C SER A 256 -13.56 25.49 -13.79
N THR A 257 -13.18 26.71 -14.17
CA THR A 257 -11.85 26.94 -14.73
C THR A 257 -10.78 27.02 -13.64
N SER A 258 -11.15 27.38 -12.40
CA SER A 258 -10.18 27.54 -11.33
C SER A 258 -9.86 26.24 -10.61
N LEU A 259 -10.85 25.36 -10.42
CA LEU A 259 -10.55 24.10 -9.76
C LEU A 259 -9.62 23.28 -10.63
N TYR A 260 -9.82 23.31 -11.95
CA TYR A 260 -8.96 22.56 -12.85
C TYR A 260 -7.50 22.85 -12.58
N TYR A 261 -7.17 24.13 -12.35
CA TYR A 261 -5.80 24.52 -12.05
C TYR A 261 -5.40 24.27 -10.60
N LEU A 262 -6.36 24.22 -9.66
CA LEU A 262 -6.00 24.16 -8.24
C LEU A 262 -6.11 22.78 -7.61
N TYR A 263 -6.79 21.83 -8.24
CA TYR A 263 -6.92 20.49 -7.63
C TYR A 263 -5.58 19.77 -7.47
N PRO A 264 -4.64 19.80 -8.42
CA PRO A 264 -3.40 19.01 -8.23
C PRO A 264 -2.65 19.40 -6.97
N PHE A 265 -2.70 20.68 -6.61
CA PHE A 265 -1.96 21.14 -5.45
C PHE A 265 -2.67 20.76 -4.17
N ASN A 266 -3.99 20.66 -4.19
CA ASN A 266 -4.72 20.15 -3.03
C ASN A 266 -4.35 18.69 -2.78
N ILE A 267 -4.43 17.87 -3.83
CA ILE A 267 -4.12 16.44 -3.68
C ILE A 267 -2.67 16.26 -3.23
N GLU A 268 -1.76 17.06 -3.80
CA GLU A 268 -0.35 16.95 -3.46
C GLU A 268 -0.12 17.43 -2.03
N TYR A 269 -0.91 18.41 -1.60
CA TYR A 269 -0.80 18.92 -0.24
C TYR A 269 -1.18 17.86 0.75
N HIS A 270 -2.25 17.12 0.47
CA HIS A 270 -2.72 16.15 1.45
C HIS A 270 -1.80 14.94 1.54
N ILE A 271 -1.22 14.52 0.41
CA ILE A 271 -0.30 13.38 0.52
C ILE A 271 1.00 13.81 1.18
N PHE A 272 1.45 15.03 0.89
CA PHE A 272 2.70 15.52 1.46
C PHE A 272 2.56 15.69 2.97
N VAL A 273 1.50 16.37 3.43
CA VAL A 273 1.36 16.60 4.85
C VAL A 273 1.17 15.28 5.57
N SER A 274 0.50 14.31 4.93
CA SER A 274 0.35 13.00 5.56
C SER A 274 1.71 12.33 5.72
N ALA A 275 2.57 12.45 4.71
CA ALA A 275 3.91 11.88 4.82
C ALA A 275 4.68 12.52 5.95
N MET A 276 4.67 13.85 6.02
CA MET A 276 5.44 14.54 7.07
C MET A 276 4.90 14.22 8.46
N LEU A 277 3.58 14.12 8.59
CA LEU A 277 3.00 13.79 9.88
C LEU A 277 3.31 12.35 10.29
N PHE A 278 3.40 11.43 9.32
CA PHE A 278 3.81 10.07 9.68
C PHE A 278 5.27 10.05 10.11
N VAL A 279 6.12 10.82 9.42
CA VAL A 279 7.52 10.93 9.81
C VAL A 279 7.63 11.53 11.20
N MET A 280 6.71 12.42 11.57
CA MET A 280 6.72 13.03 12.89
C MET A 280 6.15 12.07 13.93
N TRP A 281 5.30 11.14 13.50
CA TRP A 281 4.76 10.15 14.45
C TRP A 281 5.84 9.18 14.88
N LYS A 282 6.58 8.62 13.92
CA LYS A 282 7.56 7.59 14.25
C LYS A 282 8.61 8.07 15.24
N ASN A 283 8.83 9.38 15.37
CA ASN A 283 9.91 9.93 16.18
C ASN A 283 9.43 10.47 17.52
N ILE A 284 8.19 10.20 17.93
CA ILE A 284 7.75 10.63 19.25
C ILE A 284 8.53 9.85 20.31
N GLY A 285 8.92 10.56 21.37
CA GLY A 285 9.64 9.90 22.46
C GLY A 285 10.97 9.28 22.10
N ARG A 286 11.72 9.91 21.21
CA ARG A 286 13.07 9.44 20.87
C ARG A 286 14.01 10.64 20.67
N LEU A 306 27.87 24.62 -21.65
CA LEU A 306 27.65 25.21 -20.33
C LEU A 306 26.29 24.80 -19.77
N GLY A 307 26.27 24.43 -18.48
CA GLY A 307 25.05 24.08 -17.80
C GLY A 307 24.02 25.18 -17.64
N PRO A 308 24.40 26.42 -17.30
CA PRO A 308 23.37 27.47 -17.23
C PRO A 308 22.72 27.74 -18.57
N LEU A 309 23.50 27.72 -19.66
CA LEU A 309 22.95 28.02 -20.97
C LEU A 309 21.89 27.00 -21.34
N GLY A 310 22.18 25.71 -21.11
CA GLY A 310 21.18 24.69 -21.36
C GLY A 310 19.98 24.85 -20.46
N GLY A 311 20.23 25.23 -19.20
CA GLY A 311 19.14 25.39 -18.26
C GLY A 311 18.18 26.49 -18.71
N LEU A 312 18.74 27.58 -19.23
CA LEU A 312 17.90 28.68 -19.69
C LEU A 312 17.13 28.26 -20.94
N VAL A 313 17.81 27.67 -21.92
CA VAL A 313 17.12 27.11 -23.08
C VAL A 313 15.95 26.22 -22.65
N ALA A 314 16.17 25.41 -21.61
CA ALA A 314 15.11 24.56 -21.05
C ALA A 314 13.94 25.40 -20.54
N LEU A 315 14.24 26.43 -19.74
CA LEU A 315 13.18 27.26 -19.17
C LEU A 315 12.39 27.97 -20.27
N ALA A 316 13.10 28.53 -21.25
CA ALA A 316 12.44 29.23 -22.34
C ALA A 316 11.56 28.29 -23.14
N SER A 317 12.06 27.10 -23.47
CA SER A 317 11.25 26.16 -24.23
C SER A 317 10.04 25.71 -23.44
N SER A 318 10.18 25.55 -22.12
CA SER A 318 9.03 25.19 -21.30
C SER A 318 7.95 26.26 -21.37
N VAL A 319 8.33 27.51 -21.04
CA VAL A 319 7.33 28.58 -20.98
C VAL A 319 6.69 28.77 -22.35
N SER A 320 7.49 28.62 -23.43
CA SER A 320 6.92 28.72 -24.77
C SER A 320 5.88 27.63 -25.00
N VAL A 321 6.26 26.37 -24.77
CA VAL A 321 5.35 25.25 -25.01
C VAL A 321 4.06 25.46 -24.22
N LEU A 322 4.18 25.99 -23.00
CA LEU A 322 3.00 26.18 -22.17
C LEU A 322 2.09 27.25 -22.76
N VAL A 323 2.66 28.38 -23.15
CA VAL A 323 1.85 29.46 -23.72
C VAL A 323 1.18 28.98 -24.99
N VAL A 324 1.93 28.26 -25.84
CA VAL A 324 1.38 27.72 -27.08
C VAL A 324 0.18 26.84 -26.78
N TYR A 325 0.32 25.94 -25.81
CA TYR A 325 -0.74 24.97 -25.53
C TYR A 325 -1.97 25.71 -25.00
N LEU A 326 -1.79 26.53 -23.96
CA LEU A 326 -2.92 27.18 -23.32
C LEU A 326 -3.59 28.20 -24.24
N ILE A 327 -2.90 28.71 -25.26
CA ILE A 327 -3.56 29.53 -26.25
C ILE A 327 -4.44 28.64 -27.14
N HIS A 328 -4.02 27.41 -27.38
CA HIS A 328 -4.75 26.49 -28.25
C HIS A 328 -5.70 25.63 -27.44
N MET A 335 -4.36 22.49 -34.71
CA MET A 335 -4.41 23.57 -33.74
C MET A 335 -4.01 23.05 -32.36
N HIS A 336 -4.81 22.11 -31.84
CA HIS A 336 -4.56 21.52 -30.54
C HIS A 336 -3.76 20.23 -30.62
N GLU A 337 -3.95 19.43 -31.68
CA GLU A 337 -3.22 18.19 -31.82
C GLU A 337 -1.74 18.47 -32.05
N ALA A 338 -1.42 19.49 -32.84
CA ALA A 338 -0.03 19.90 -33.00
C ALA A 338 0.56 20.37 -31.67
N ALA A 339 -0.25 21.00 -30.81
CA ALA A 339 0.25 21.44 -29.51
C ALA A 339 0.61 20.25 -28.63
N VAL A 340 -0.25 19.23 -28.59
CA VAL A 340 0.06 18.05 -27.78
C VAL A 340 1.26 17.31 -28.37
N SER A 341 1.37 17.28 -29.70
CA SER A 341 2.56 16.69 -30.31
C SER A 341 3.81 17.45 -29.90
N MET A 342 3.72 18.79 -29.86
CA MET A 342 4.87 19.58 -29.43
C MET A 342 5.21 19.29 -27.98
N PHE A 343 4.19 19.10 -27.14
CA PHE A 343 4.42 18.74 -25.74
C PHE A 343 5.18 17.42 -25.64
N TYR A 344 4.77 16.42 -26.43
CA TYR A 344 5.43 15.12 -26.34
C TYR A 344 6.85 15.18 -26.91
N TYR A 345 7.06 15.91 -28.01
CA TYR A 345 8.42 16.02 -28.55
C TYR A 345 9.33 16.76 -27.57
N TYR A 346 8.82 17.82 -26.96
CA TYR A 346 9.58 18.53 -25.93
C TYR A 346 9.96 17.57 -24.81
N GLY A 347 8.97 16.87 -24.26
CA GLY A 347 9.23 15.95 -23.17
C GLY A 347 10.28 14.91 -23.52
N VAL A 348 10.20 14.36 -24.74
CA VAL A 348 11.15 13.32 -25.15
C VAL A 348 12.56 13.88 -25.24
N ALA A 349 12.73 15.02 -25.91
CA ALA A 349 14.07 15.61 -26.02
C ALA A 349 14.62 16.00 -24.65
N MET A 350 13.78 16.58 -23.81
CA MET A 350 14.20 17.01 -22.48
C MET A 350 14.60 15.81 -21.63
N MET A 351 13.82 14.74 -21.66
CA MET A 351 14.17 13.59 -20.86
C MET A 351 15.40 12.88 -21.39
N ALA A 352 15.61 12.87 -22.70
CA ALA A 352 16.85 12.30 -23.23
C ALA A 352 18.08 13.07 -22.77
N CYS A 353 18.05 14.41 -22.89
CA CYS A 353 19.23 15.17 -22.48
C CYS A 353 19.40 15.10 -20.95
N MET A 354 18.30 14.98 -20.20
CA MET A 354 18.42 14.83 -18.76
C MET A 354 19.09 13.51 -18.41
N CYS A 355 18.60 12.39 -18.98
CA CYS A 355 19.26 11.10 -18.77
C CYS A 355 20.75 11.19 -19.06
N VAL A 356 21.12 11.88 -20.15
CA VAL A 356 22.54 12.02 -20.47
C VAL A 356 23.28 12.79 -19.38
N GLY A 357 22.68 13.86 -18.85
CA GLY A 357 23.33 14.61 -17.79
C GLY A 357 23.53 13.82 -16.52
N SER A 358 22.46 13.16 -16.06
CA SER A 358 22.56 12.35 -14.86
C SER A 358 23.52 11.19 -15.04
N GLY A 359 23.50 10.54 -16.20
CA GLY A 359 24.42 9.45 -16.45
C GLY A 359 25.86 9.89 -16.47
N THR A 360 26.13 11.08 -17.04
CA THR A 360 27.50 11.58 -17.03
C THR A 360 27.93 11.92 -15.62
N GLY A 361 27.02 12.42 -14.79
CA GLY A 361 27.36 12.62 -13.38
C GLY A 361 27.71 11.32 -12.69
N LEU A 362 26.89 10.28 -12.90
CA LEU A 362 27.17 8.98 -12.30
C LEU A 362 28.49 8.41 -12.81
N LEU A 363 28.81 8.65 -14.08
CA LEU A 363 30.07 8.17 -14.63
C LEU A 363 31.25 8.89 -14.01
N VAL A 364 31.13 10.21 -13.80
CA VAL A 364 32.20 10.95 -13.14
C VAL A 364 32.38 10.46 -11.71
N TYR A 365 31.28 10.11 -11.04
CA TYR A 365 31.38 9.51 -9.71
C TYR A 365 32.12 8.17 -9.77
N ARG A 366 31.72 7.29 -10.69
CA ARG A 366 32.34 5.97 -10.76
C ARG A 366 33.82 6.06 -11.08
N MET A 367 34.24 7.04 -11.89
CA MET A 367 35.66 7.20 -12.14
C MET A 367 36.41 7.58 -10.87
N GLU A 368 35.95 8.63 -10.19
CA GLU A 368 36.58 9.09 -8.95
C GLU A 368 36.11 8.24 -7.77
N ASN A 369 36.77 7.11 -7.56
CA ASN A 369 36.35 6.18 -6.52
C ASN A 369 36.53 6.82 -5.14
N ARG A 370 35.43 7.00 -4.42
CA ARG A 370 35.43 7.65 -3.12
C ARG A 370 34.75 6.75 -2.10
N PRO A 371 35.03 6.93 -0.80
CA PRO A 371 34.48 6.01 0.22
C PRO A 371 32.98 5.74 0.12
N MET A 372 32.19 6.72 -0.34
CA MET A 372 30.74 6.56 -0.52
C MET A 372 30.07 6.18 0.80
N ASP A 373 30.54 6.78 1.90
CA ASP A 373 29.96 6.57 3.22
C ASP A 373 29.68 7.91 3.86
N THR A 374 28.60 7.96 4.64
CA THR A 374 28.14 9.10 5.47
C THR A 374 28.70 10.49 5.15
N ASN A 377 22.71 10.17 8.31
CA ASN A 377 21.97 11.38 8.62
C ASN A 377 20.47 11.11 8.39
N PRO A 378 19.62 11.29 9.43
CA PRO A 378 18.17 11.04 9.21
C PRO A 378 17.57 11.84 8.07
N ALA A 379 17.94 13.12 7.93
CA ALA A 379 17.38 13.94 6.87
C ALA A 379 17.71 13.36 5.48
N ARG A 380 18.96 12.94 5.29
CA ARG A 380 19.36 12.36 4.01
C ARG A 380 18.55 11.09 3.69
N THR A 381 18.17 10.35 4.73
CA THR A 381 17.43 9.11 4.53
C THR A 381 16.00 9.44 4.16
N LEU A 382 15.39 10.38 4.88
CA LEU A 382 14.06 10.84 4.52
C LEU A 382 14.03 11.35 3.10
N ASP A 383 15.06 12.12 2.71
CA ASP A 383 15.11 12.67 1.37
C ASP A 383 15.14 11.56 0.33
N THR A 384 15.95 10.52 0.58
CA THR A 384 16.02 9.40 -0.35
C THR A 384 14.67 8.69 -0.47
N GLU A 385 14.02 8.44 0.67
CA GLU A 385 12.77 7.69 0.62
C GLU A 385 11.65 8.50 -0.01
N LEU A 386 11.60 9.81 0.25
CA LEU A 386 10.62 10.65 -0.41
C LEU A 386 10.89 10.74 -1.90
N LEU A 387 12.16 10.82 -2.28
CA LEU A 387 12.51 10.92 -3.69
C LEU A 387 12.11 9.66 -4.46
N LEU A 388 12.16 8.49 -3.80
CA LEU A 388 11.79 7.26 -4.48
C LEU A 388 10.31 6.91 -4.33
N ALA A 389 9.62 7.46 -3.33
CA ALA A 389 8.20 7.20 -3.17
C ALA A 389 7.35 8.16 -4.00
N SER A 390 7.90 9.30 -4.39
CA SER A 390 7.20 10.26 -5.24
C SER A 390 7.15 9.83 -6.69
N SER A 391 7.90 8.81 -7.07
CA SER A 391 7.99 8.34 -8.45
C SER A 391 6.99 7.24 -8.77
N LEU A 392 6.26 6.73 -7.77
CA LEU A 392 5.32 5.65 -8.03
C LEU A 392 4.22 6.10 -8.98
N GLY A 393 3.76 7.34 -8.83
CA GLY A 393 2.72 7.86 -9.70
C GLY A 393 3.15 7.94 -11.15
N SER A 394 4.31 8.54 -11.40
CA SER A 394 4.81 8.68 -12.76
C SER A 394 5.14 7.32 -13.36
N TRP A 395 5.65 6.39 -12.54
CA TRP A 395 5.97 5.07 -13.06
C TRP A 395 4.70 4.32 -13.43
N LEU A 396 3.66 4.42 -12.60
CA LEU A 396 2.39 3.80 -12.95
C LEU A 396 1.82 4.39 -14.22
N MET A 397 1.87 5.72 -14.35
CA MET A 397 1.37 6.35 -15.56
C MET A 397 2.14 5.89 -16.79
N SER A 398 3.46 5.79 -16.68
CA SER A 398 4.27 5.38 -17.82
C SER A 398 4.02 3.92 -18.18
N TRP A 399 3.87 3.06 -17.19
CA TRP A 399 3.63 1.65 -17.49
C TRP A 399 2.22 1.42 -18.00
N CYS A 400 1.24 2.21 -17.57
CA CYS A 400 -0.09 2.13 -18.18
C CYS A 400 -0.03 2.56 -19.64
N SER A 401 0.70 3.63 -19.94
CA SER A 401 0.84 4.05 -21.33
C SER A 401 1.54 2.98 -22.16
N VAL A 402 2.56 2.33 -21.61
CA VAL A 402 3.28 1.31 -22.36
C VAL A 402 2.41 0.08 -22.59
N VAL A 403 1.64 -0.33 -21.58
CA VAL A 403 0.74 -1.47 -21.75
C VAL A 403 -0.31 -1.17 -22.81
N ALA A 404 -0.90 0.03 -22.77
CA ALA A 404 -1.88 0.39 -23.78
C ALA A 404 -1.24 0.42 -25.16
N SER A 405 -0.01 0.92 -25.25
CA SER A 405 0.65 1.03 -26.55
C SER A 405 0.93 -0.35 -27.14
N VAL A 406 1.46 -1.27 -26.34
CA VAL A 406 1.75 -2.60 -26.89
C VAL A 406 0.46 -3.36 -27.15
N ALA A 407 -0.59 -3.13 -26.35
CA ALA A 407 -1.84 -3.83 -26.59
C ALA A 407 -2.43 -3.37 -27.93
N GLU A 408 -2.37 -2.08 -28.22
CA GLU A 408 -2.93 -1.59 -29.46
C GLU A 408 -2.05 -2.00 -30.64
N ALA A 409 -0.73 -2.04 -30.43
CA ALA A 409 0.17 -2.47 -31.50
C ALA A 409 -0.03 -3.95 -31.84
N GLY A 410 -0.44 -4.76 -30.86
CA GLY A 410 -0.76 -6.15 -31.16
C GLY A 410 -1.87 -6.31 -32.17
N GLN A 411 -2.78 -5.35 -32.26
CA GLN A 411 -3.84 -5.40 -33.26
C GLN A 411 -3.35 -5.09 -34.67
N LYS A 412 -2.09 -4.68 -34.85
CA LYS A 412 -1.57 -4.23 -36.13
C LYS A 412 -2.40 -3.05 -36.65
N SER A 413 -2.46 -1.98 -35.81
CA SER A 413 -3.30 -0.82 -36.09
C SER A 413 -2.44 0.37 -36.56
N PRO A 414 -2.98 1.27 -37.38
CA PRO A 414 -2.21 2.46 -37.79
C PRO A 414 -1.97 3.44 -36.66
N SER A 415 -2.66 3.31 -35.52
CA SER A 415 -2.55 4.30 -34.45
C SER A 415 -1.21 4.25 -33.73
N PHE A 416 -0.59 3.06 -33.64
CA PHE A 416 0.65 2.89 -32.88
C PHE A 416 1.72 3.89 -33.31
N SER A 417 2.13 4.72 -32.36
CA SER A 417 3.20 5.69 -32.55
C SER A 417 4.27 5.48 -31.48
N TRP A 418 5.51 5.78 -31.84
CA TRP A 418 6.65 5.54 -30.96
C TRP A 418 7.01 6.76 -30.12
N THR A 419 6.27 7.87 -30.23
CA THR A 419 6.52 9.03 -29.39
C THR A 419 5.81 8.95 -28.05
N SER A 420 4.91 7.98 -27.86
CA SER A 420 4.29 7.75 -26.57
C SER A 420 4.97 6.61 -25.84
N LEU A 421 5.45 5.63 -26.61
CA LEU A 421 6.22 4.54 -26.02
C LEU A 421 7.59 5.07 -25.60
N THR A 422 8.21 5.89 -26.44
CA THR A 422 9.52 6.41 -26.09
C THR A 422 9.39 7.34 -24.91
N TYR A 423 8.38 8.22 -24.93
CA TYR A 423 8.21 9.18 -23.84
C TYR A 423 7.92 8.48 -22.51
N SER A 424 7.27 7.31 -22.56
CA SER A 424 7.02 6.59 -21.31
C SER A 424 8.26 5.86 -20.81
N LEU A 425 8.97 5.19 -21.71
CA LEU A 425 10.19 4.51 -21.29
C LEU A 425 11.23 5.52 -20.81
N LEU A 426 11.24 6.71 -21.42
CA LEU A 426 12.16 7.75 -20.97
C LEU A 426 11.73 8.32 -19.62
N LEU A 427 10.43 8.43 -19.37
CA LEU A 427 9.97 8.78 -18.03
C LEU A 427 10.56 7.83 -16.98
N VAL A 428 10.38 6.53 -17.21
CA VAL A 428 10.86 5.53 -16.25
C VAL A 428 12.37 5.63 -16.08
N LEU A 429 13.10 5.60 -17.20
CA LEU A 429 14.56 5.57 -17.12
C LEU A 429 15.12 6.88 -16.58
N GLU A 430 14.49 8.01 -16.89
CA GLU A 430 14.99 9.30 -16.43
C GLU A 430 14.83 9.44 -14.93
N LYS A 431 13.69 9.02 -14.38
CA LYS A 431 13.56 9.18 -12.94
C LYS A 431 14.37 8.12 -12.20
N CYS A 432 14.65 6.98 -12.83
CA CYS A 432 15.57 6.02 -12.20
C CYS A 432 16.98 6.57 -12.13
N ILE A 433 17.50 7.07 -13.26
CA ILE A 433 18.88 7.57 -13.27
C ILE A 433 18.98 8.80 -12.38
N GLN A 434 17.96 9.66 -12.38
CA GLN A 434 18.02 10.86 -11.56
C GLN A 434 18.06 10.49 -10.08
N ASN A 435 17.19 9.55 -9.66
CA ASN A 435 17.19 9.11 -8.28
C ASN A 435 18.58 8.61 -7.90
N LEU A 436 19.14 7.72 -8.72
CA LEU A 436 20.48 7.19 -8.48
C LEU A 436 21.50 8.31 -8.33
N PHE A 437 21.45 9.31 -9.22
CA PHE A 437 22.43 10.39 -9.18
C PHE A 437 22.29 11.22 -7.91
N ILE A 438 21.06 11.60 -7.56
CA ILE A 438 20.86 12.44 -6.38
C ILE A 438 21.29 11.70 -5.13
N VAL A 439 20.95 10.41 -5.04
CA VAL A 439 21.28 9.66 -3.83
C VAL A 439 22.79 9.48 -3.76
N GLU A 440 23.44 9.18 -4.88
CA GLU A 440 24.89 9.03 -4.83
C GLU A 440 25.56 10.36 -4.56
N SER A 441 24.88 11.48 -4.85
CA SER A 441 25.46 12.80 -4.68
C SER A 441 25.30 13.28 -3.25
N LEU A 442 24.42 12.66 -2.47
CA LEU A 442 24.14 13.07 -1.11
C LEU A 442 24.89 12.24 -0.09
N TYR A 443 25.12 10.96 -0.37
CA TYR A 443 25.81 10.05 0.52
C TYR A 443 27.32 10.07 0.33
N ARG A 444 27.84 10.93 -0.55
CA ARG A 444 29.26 10.97 -0.87
C ARG A 444 29.98 12.01 -0.03
N GLY A 512 40.13 19.21 -11.28
CA GLY A 512 39.43 20.49 -11.34
C GLY A 512 38.26 20.46 -12.30
N ARG A 513 38.42 19.73 -13.40
CA ARG A 513 37.37 19.67 -14.42
C ARG A 513 36.20 18.78 -14.01
N LYS A 514 36.40 17.93 -13.00
CA LYS A 514 35.28 17.16 -12.48
C LYS A 514 34.38 18.05 -11.63
N ARG A 515 34.97 19.00 -10.91
CA ARG A 515 34.15 19.90 -10.11
C ARG A 515 33.30 20.79 -11.00
N GLN A 516 33.89 21.33 -12.08
CA GLN A 516 33.11 22.10 -13.03
C GLN A 516 32.05 21.24 -13.70
N ILE A 517 32.34 19.96 -13.91
CA ILE A 517 31.41 19.12 -14.64
C ILE A 517 30.22 18.78 -13.76
N LEU A 518 30.46 18.61 -12.46
CA LEU A 518 29.36 18.32 -11.54
C LEU A 518 28.56 19.58 -11.25
N LYS A 519 29.20 20.75 -11.15
CA LYS A 519 28.45 21.98 -11.01
C LYS A 519 27.51 22.19 -12.20
N ASN A 520 28.04 22.05 -13.42
CA ASN A 520 27.20 22.25 -14.60
C ASN A 520 26.13 21.19 -14.75
N ILE A 521 26.38 19.95 -14.32
CA ILE A 521 25.33 18.94 -14.36
C ILE A 521 24.25 19.24 -13.34
N CYS A 522 24.61 19.64 -12.12
CA CYS A 522 23.60 19.91 -11.12
C CYS A 522 22.76 21.13 -11.51
N MET A 523 23.38 22.16 -12.05
CA MET A 523 22.61 23.33 -12.47
C MET A 523 21.72 23.01 -13.66
N PHE A 524 22.22 22.20 -14.60
CA PHE A 524 21.40 21.82 -15.75
C PHE A 524 20.19 21.03 -15.32
N LEU A 525 20.33 20.13 -14.34
CA LEU A 525 19.19 19.34 -13.93
C LEU A 525 18.25 20.16 -13.05
N PHE A 526 18.80 21.07 -12.24
CA PHE A 526 17.98 22.03 -11.51
C PHE A 526 17.01 22.73 -12.46
N MET A 527 17.55 23.33 -13.52
CA MET A 527 16.71 24.07 -14.45
C MET A 527 15.81 23.15 -15.26
N CYS A 528 16.25 21.94 -15.58
CA CYS A 528 15.39 21.01 -16.32
C CYS A 528 14.21 20.56 -15.47
N ASN A 529 14.44 20.26 -14.19
CA ASN A 529 13.33 19.88 -13.33
C ASN A 529 12.38 21.03 -13.10
N ILE A 530 12.89 22.27 -13.05
CA ILE A 530 11.99 23.42 -12.99
C ILE A 530 11.15 23.49 -14.26
N SER A 531 11.79 23.24 -15.42
CA SER A 531 11.07 23.31 -16.68
C SER A 531 10.04 22.20 -16.82
N LEU A 532 10.23 21.09 -16.12
CA LEU A 532 9.33 19.96 -16.20
C LEU A 532 8.28 20.02 -15.10
N TRP A 533 8.49 20.86 -14.08
CA TRP A 533 7.49 21.17 -13.08
C TRP A 533 6.54 22.25 -13.55
N ILE A 534 7.01 23.18 -14.39
CA ILE A 534 6.14 24.31 -14.76
C ILE A 534 5.03 23.84 -15.68
N LEU A 535 5.31 22.86 -16.55
CA LEU A 535 4.31 22.42 -17.52
C LEU A 535 3.07 21.85 -16.85
N PRO A 536 3.15 20.78 -16.05
CA PRO A 536 1.93 20.28 -15.38
C PRO A 536 1.30 21.26 -14.41
N ALA A 537 2.11 22.03 -13.69
CA ALA A 537 1.57 22.95 -12.69
C ALA A 537 0.70 24.03 -13.33
N PHE A 538 1.11 24.55 -14.48
CA PHE A 538 0.42 25.68 -15.11
C PHE A 538 -0.64 25.24 -16.12
N GLY A 539 -1.13 24.01 -16.04
CA GLY A 539 -2.23 23.56 -16.87
C GLY A 539 -1.88 22.80 -18.12
N CYS A 540 -0.60 22.49 -18.35
CA CYS A 540 -0.20 21.68 -19.50
C CYS A 540 -0.29 20.20 -19.13
N ARG A 541 -1.54 19.75 -18.92
CA ARG A 541 -1.82 18.35 -18.63
C ARG A 541 -2.64 17.70 -19.75
N PRO A 542 -2.02 17.36 -20.89
CA PRO A 542 -2.78 16.82 -22.02
C PRO A 542 -3.03 15.32 -21.95
N GLN A 543 -2.53 14.64 -20.92
CA GLN A 543 -2.67 13.20 -20.83
C GLN A 543 -4.12 12.77 -20.69
N TYR A 544 -4.95 13.55 -20.00
CA TYR A 544 -6.31 13.13 -19.69
C TYR A 544 -7.11 12.83 -20.95
N ASP A 545 -6.91 13.60 -22.01
CA ASP A 545 -7.71 13.44 -23.22
C ASP A 545 -7.14 12.40 -24.18
N ASN A 546 -6.14 11.64 -23.76
CA ASN A 546 -5.55 10.60 -24.61
C ASN A 546 -6.63 9.56 -24.97
N PRO A 547 -6.97 9.35 -26.25
CA PRO A 547 -7.99 8.34 -26.55
C PRO A 547 -7.50 6.91 -26.42
N LEU A 548 -6.19 6.67 -26.41
CA LEU A 548 -5.68 5.31 -26.37
C LEU A 548 -5.80 4.72 -24.97
N GLU A 549 -5.35 5.45 -23.95
CA GLU A 549 -5.48 4.91 -22.61
C GLU A 549 -6.88 5.11 -22.08
N ASN A 550 -7.70 5.94 -22.72
CA ASN A 550 -9.09 6.07 -22.35
C ASN A 550 -9.89 4.88 -22.86
N GLU A 551 -9.47 4.30 -24.00
CA GLU A 551 -10.13 3.12 -24.53
C GLU A 551 -9.58 1.82 -23.96
N THR A 552 -8.30 1.77 -23.60
CA THR A 552 -7.76 0.55 -23.00
C THR A 552 -8.20 0.39 -21.55
N PHE A 553 -7.95 1.39 -20.71
CA PHE A 553 -8.25 1.32 -19.29
C PHE A 553 -9.62 1.84 -18.92
N GLY A 554 -10.24 2.63 -19.77
CA GLY A 554 -11.49 3.30 -19.41
C GLY A 554 -11.24 4.68 -18.86
N THR A 555 -12.22 5.57 -19.03
CA THR A 555 -12.02 6.96 -18.67
C THR A 555 -11.83 7.14 -17.17
N SER A 556 -12.61 6.41 -16.35
CA SER A 556 -12.49 6.57 -14.91
C SER A 556 -11.15 6.08 -14.39
N VAL A 557 -10.70 4.90 -14.85
CA VAL A 557 -9.43 4.37 -14.36
C VAL A 557 -8.27 5.25 -14.83
N TRP A 558 -8.32 5.73 -16.07
CA TRP A 558 -7.24 6.58 -16.54
C TRP A 558 -7.19 7.90 -15.80
N THR A 559 -8.34 8.55 -15.58
CA THR A 559 -8.32 9.81 -14.86
C THR A 559 -7.93 9.60 -13.41
N THR A 560 -8.24 8.46 -12.79
CA THR A 560 -7.81 8.26 -11.41
C THR A 560 -6.32 8.00 -11.35
N VAL A 561 -5.77 7.29 -12.34
CA VAL A 561 -4.32 7.05 -12.37
C VAL A 561 -3.60 8.38 -12.55
N LEU A 562 -4.16 9.26 -13.38
CA LEU A 562 -3.54 10.56 -13.59
C LEU A 562 -3.69 11.46 -12.37
N ASN A 563 -4.83 11.39 -11.68
CA ASN A 563 -4.99 12.16 -10.45
C ASN A 563 -4.02 11.70 -9.38
N VAL A 564 -3.68 10.41 -9.35
CA VAL A 564 -2.67 9.96 -8.39
C VAL A 564 -1.28 10.37 -8.85
N ALA A 565 -1.04 10.42 -10.16
CA ALA A 565 0.32 10.53 -10.67
C ALA A 565 0.80 11.96 -10.83
N ILE A 566 -0.04 12.86 -11.31
CA ILE A 566 0.40 14.21 -11.68
C ILE A 566 0.74 15.00 -10.41
N PRO A 567 -0.06 14.91 -9.34
CA PRO A 567 0.38 15.53 -8.07
C PRO A 567 1.70 15.00 -7.53
N LEU A 568 1.85 13.67 -7.50
CA LEU A 568 3.13 13.09 -7.10
C LEU A 568 4.25 13.52 -8.03
N ASN A 569 3.94 13.71 -9.32
CA ASN A 569 4.96 14.17 -10.26
C ASN A 569 5.41 15.59 -9.93
N LEU A 570 4.48 16.47 -9.59
CA LEU A 570 4.83 17.83 -9.19
C LEU A 570 5.70 17.81 -7.94
N PHE A 571 5.32 17.00 -6.96
CA PHE A 571 6.11 16.90 -5.74
C PHE A 571 7.51 16.39 -6.06
N TYR A 572 7.60 15.33 -6.88
CA TYR A 572 8.91 14.77 -7.22
C TYR A 572 9.79 15.83 -7.86
N ARG A 573 9.25 16.53 -8.86
CA ARG A 573 10.05 17.53 -9.58
C ARG A 573 10.57 18.60 -8.63
N MET A 574 9.73 19.11 -7.72
CA MET A 574 10.22 20.21 -6.90
C MET A 574 11.11 19.72 -5.76
N HIS A 575 10.85 18.52 -5.23
CA HIS A 575 11.79 17.91 -4.29
C HIS A 575 13.14 17.66 -4.93
N SER A 576 13.15 17.24 -6.19
CA SER A 576 14.41 17.04 -6.91
C SER A 576 15.12 18.36 -7.13
N VAL A 577 14.36 19.44 -7.37
CA VAL A 577 14.99 20.75 -7.53
C VAL A 577 15.67 21.15 -6.22
N ALA A 578 15.01 20.93 -5.09
CA ALA A 578 15.60 21.23 -3.79
C ALA A 578 16.86 20.39 -3.55
N SER A 579 16.77 19.08 -3.79
CA SER A 579 17.92 18.20 -3.60
C SER A 579 19.07 18.57 -4.51
N LEU A 580 18.77 19.00 -5.74
CA LEU A 580 19.81 19.35 -6.69
C LEU A 580 20.50 20.65 -6.29
N PHE A 581 19.75 21.59 -5.72
CA PHE A 581 20.41 22.80 -5.22
C PHE A 581 21.27 22.48 -4.01
N GLU A 582 20.77 21.61 -3.11
CA GLU A 582 21.58 21.24 -1.96
C GLU A 582 22.87 20.54 -2.38
N VAL A 583 22.79 19.69 -3.41
CA VAL A 583 24.00 19.07 -3.94
C VAL A 583 24.89 20.13 -4.57
N PHE A 584 24.29 21.12 -5.22
CA PHE A 584 25.08 22.09 -5.97
C PHE A 584 25.89 22.98 -5.02
N ARG A 585 25.39 23.17 -3.79
CA ARG A 585 26.11 24.04 -2.87
C ARG A 585 27.33 23.34 -2.28
N LYS A 586 27.21 22.05 -1.95
CA LYS A 586 28.34 21.28 -1.47
C LYS A 586 29.46 21.23 -2.50
N TYR B 48 31.45 -2.19 -7.10
CA TYR B 48 30.19 -1.46 -7.26
C TYR B 48 29.66 -1.03 -5.88
N PRO B 49 29.42 0.28 -5.66
CA PRO B 49 28.90 0.72 -4.37
C PRO B 49 27.66 -0.04 -3.92
N GLN B 50 27.56 -0.24 -2.60
CA GLN B 50 26.47 -1.03 -2.05
C GLN B 50 25.13 -0.30 -2.17
N LYS B 51 25.08 0.96 -1.70
CA LYS B 51 23.85 1.75 -1.79
C LYS B 51 23.30 1.75 -3.22
N ASN B 52 24.18 1.97 -4.20
CA ASN B 52 23.78 1.96 -5.62
C ASN B 52 22.94 0.73 -5.95
N ALA B 53 23.30 -0.42 -5.38
CA ALA B 53 22.59 -1.65 -5.64
C ALA B 53 21.34 -1.75 -4.80
N GLU B 54 21.43 -1.40 -3.51
CA GLU B 54 20.24 -1.38 -2.66
C GLU B 54 19.14 -0.51 -3.28
N LEU B 55 19.52 0.52 -4.03
CA LEU B 55 18.57 1.45 -4.63
C LEU B 55 18.10 0.94 -5.99
N LEU B 56 19.01 0.43 -6.81
CA LEU B 56 18.63 0.00 -8.15
C LEU B 56 17.76 -1.25 -8.07
N SER B 57 18.05 -2.14 -7.13
CA SER B 57 17.22 -3.31 -6.91
C SER B 57 15.81 -2.89 -6.54
N ALA B 58 15.68 -1.92 -5.63
CA ALA B 58 14.36 -1.47 -5.21
C ALA B 58 13.62 -0.82 -6.37
N GLN B 59 14.33 -0.05 -7.20
CA GLN B 59 13.64 0.62 -8.30
C GLN B 59 13.19 -0.39 -9.34
N TYR B 60 14.04 -1.38 -9.64
CA TYR B 60 13.65 -2.43 -10.58
C TYR B 60 12.45 -3.20 -10.07
N GLY B 61 12.45 -3.56 -8.79
CA GLY B 61 11.33 -4.29 -8.22
C GLY B 61 10.04 -3.49 -8.26
N THR B 62 10.12 -2.21 -7.91
CA THR B 62 8.93 -1.37 -7.92
C THR B 62 8.40 -1.19 -9.33
N ASN B 63 9.29 -1.06 -10.32
CA ASN B 63 8.84 -0.96 -11.70
C ASN B 63 8.19 -2.26 -12.15
N LEU B 64 8.73 -3.40 -11.71
CA LEU B 64 8.11 -4.69 -12.01
C LEU B 64 6.69 -4.76 -11.45
N LEU B 65 6.52 -4.34 -10.20
CA LEU B 65 5.19 -4.36 -9.59
C LEU B 65 4.23 -3.43 -10.32
N LEU B 66 4.69 -2.24 -10.70
CA LEU B 66 3.79 -1.30 -11.35
C LEU B 66 3.45 -1.73 -12.77
N LEU B 67 4.37 -2.41 -13.46
CA LEU B 67 4.02 -2.97 -14.77
C LEU B 67 2.98 -4.07 -14.62
N GLY B 68 3.12 -4.92 -13.60
CA GLY B 68 2.11 -5.93 -13.36
C GLY B 68 0.75 -5.32 -13.04
N VAL B 69 0.75 -4.29 -12.19
CA VAL B 69 -0.49 -3.62 -11.84
C VAL B 69 -1.11 -2.97 -13.06
N SER B 70 -0.28 -2.43 -13.96
CA SER B 70 -0.82 -1.84 -15.18
C SER B 70 -1.49 -2.87 -16.06
N VAL B 71 -0.89 -4.06 -16.18
CA VAL B 71 -1.53 -5.12 -16.97
C VAL B 71 -2.83 -5.55 -16.30
N MET B 72 -2.85 -5.61 -14.97
CA MET B 72 -4.09 -6.02 -14.32
C MET B 72 -5.17 -4.95 -14.45
N LEU B 73 -4.79 -3.67 -14.48
CA LEU B 73 -5.75 -2.62 -14.74
C LEU B 73 -6.32 -2.72 -16.14
N ALA B 74 -5.45 -2.98 -17.12
CA ALA B 74 -5.93 -3.19 -18.48
C ALA B 74 -6.87 -4.38 -18.58
N LEU B 75 -6.66 -5.39 -17.72
CA LEU B 75 -7.54 -6.55 -17.72
C LEU B 75 -8.89 -6.22 -17.07
N ALA B 76 -8.86 -5.55 -15.91
CA ALA B 76 -10.06 -5.26 -15.13
C ALA B 76 -11.15 -4.58 -15.96
N ALA B 77 -10.75 -3.83 -16.98
CA ALA B 77 -11.71 -3.07 -17.79
C ALA B 77 -12.71 -4.00 -18.49
N GLN B 78 -12.23 -5.11 -19.03
CA GLN B 78 -12.98 -6.18 -19.69
C GLN B 78 -13.36 -5.80 -21.11
N SER B 79 -12.99 -4.60 -21.59
CA SER B 79 -13.23 -4.20 -22.97
C SER B 79 -11.95 -3.82 -23.69
N GLY B 80 -10.81 -3.77 -22.99
CA GLY B 80 -9.53 -3.50 -23.58
C GLY B 80 -9.06 -4.73 -24.33
N PRO B 81 -8.08 -4.59 -25.22
CA PRO B 81 -7.54 -5.80 -25.87
C PRO B 81 -6.92 -6.77 -24.87
N VAL B 82 -6.42 -6.29 -23.75
CA VAL B 82 -5.75 -7.12 -22.75
C VAL B 82 -6.75 -8.11 -22.17
N LYS B 83 -6.52 -9.39 -22.41
CA LYS B 83 -7.30 -10.51 -21.92
C LYS B 83 -6.47 -11.28 -20.88
N GLU B 84 -7.12 -12.25 -20.24
CA GLU B 84 -6.48 -12.93 -19.10
C GLU B 84 -5.22 -13.66 -19.51
N GLU B 85 -5.25 -14.38 -20.65
CA GLU B 85 -4.10 -15.17 -21.05
C GLU B 85 -2.83 -14.33 -21.20
N HIS B 86 -2.97 -13.03 -21.46
CA HIS B 86 -1.82 -12.14 -21.49
C HIS B 86 -1.24 -11.93 -20.09
N LEU B 87 -2.10 -11.80 -19.09
CA LEU B 87 -1.59 -11.70 -17.73
C LEU B 87 -0.92 -13.00 -17.34
N LEU B 88 -1.57 -14.14 -17.59
CA LEU B 88 -1.00 -15.42 -17.22
C LEU B 88 0.36 -15.61 -17.89
N SER B 89 0.50 -15.13 -19.13
CA SER B 89 1.78 -15.23 -19.84
C SER B 89 2.82 -14.30 -19.24
N PHE B 90 2.42 -13.11 -18.81
CA PHE B 90 3.35 -12.20 -18.16
C PHE B 90 3.88 -12.81 -16.87
N ILE B 91 2.98 -13.36 -16.06
CA ILE B 91 3.39 -13.97 -14.80
C ILE B 91 4.20 -15.24 -15.06
N THR B 92 3.90 -15.96 -16.16
CA THR B 92 4.70 -17.13 -16.49
C THR B 92 6.14 -16.72 -16.83
N VAL B 93 6.29 -15.61 -17.54
CA VAL B 93 7.64 -15.11 -17.84
C VAL B 93 8.31 -14.68 -16.54
N LEU B 94 7.55 -14.11 -15.61
CA LEU B 94 8.14 -13.60 -14.39
C LEU B 94 8.46 -14.72 -13.41
N MET B 95 7.91 -15.91 -13.61
CA MET B 95 8.24 -17.07 -12.81
C MET B 95 9.41 -17.81 -13.46
N LEU B 96 9.45 -17.80 -14.79
CA LEU B 96 10.55 -18.43 -15.51
C LEU B 96 11.87 -17.72 -15.22
N VAL B 97 11.88 -16.39 -15.31
CA VAL B 97 13.09 -15.63 -14.99
C VAL B 97 13.56 -15.95 -13.57
N GLN B 98 12.63 -16.13 -12.63
CA GLN B 98 13.03 -16.43 -11.26
C GLN B 98 13.61 -17.83 -11.16
N LEU B 99 13.07 -18.77 -11.94
CA LEU B 99 13.64 -20.11 -11.96
C LEU B 99 15.04 -20.10 -12.52
N VAL B 100 15.26 -19.33 -13.58
CA VAL B 100 16.61 -19.19 -14.14
C VAL B 100 17.55 -18.61 -13.10
N TRP B 101 17.08 -17.61 -12.35
CA TRP B 101 17.95 -17.01 -11.33
C TRP B 101 18.30 -18.04 -10.27
N MET B 102 17.30 -18.75 -9.76
CA MET B 102 17.55 -19.68 -8.67
C MET B 102 18.45 -20.83 -9.13
N LEU B 103 18.34 -21.20 -10.41
CA LEU B 103 19.24 -22.20 -10.98
C LEU B 103 20.69 -21.71 -10.99
N CYS B 104 20.93 -20.49 -11.48
CA CYS B 104 22.29 -19.95 -11.39
C CYS B 104 22.75 -19.88 -9.94
N TYR B 105 21.87 -19.43 -9.05
CA TYR B 105 22.26 -19.28 -7.65
C TYR B 105 22.71 -20.59 -7.05
N MET B 106 21.97 -21.67 -7.31
CA MET B 106 22.37 -22.99 -6.82
C MET B 106 23.63 -23.49 -7.51
N ILE B 107 23.90 -23.04 -8.73
CA ILE B 107 25.17 -23.39 -9.37
C ILE B 107 26.32 -22.72 -8.63
N ARG B 108 26.19 -21.42 -8.38
CA ARG B 108 27.27 -20.66 -7.75
C ARG B 108 27.44 -20.98 -6.27
N ARG B 109 26.40 -21.47 -5.60
CA ARG B 109 26.49 -21.69 -4.16
C ARG B 109 27.34 -22.91 -3.83
N GLU B 110 27.51 -23.84 -4.77
CA GLU B 110 28.33 -25.02 -4.50
C GLU B 110 29.81 -24.68 -4.50
N ARG B 111 30.22 -23.68 -5.26
CA ARG B 111 31.62 -23.29 -5.37
C ARG B 111 31.96 -22.21 -4.34
N ALA B 125 11.46 -19.10 13.45
CA ALA B 125 12.28 -20.27 13.70
C ALA B 125 11.78 -21.42 12.80
N SER B 126 11.70 -22.65 13.32
CA SER B 126 11.13 -23.73 12.53
C SER B 126 9.64 -23.53 12.27
N TRP B 127 8.97 -22.70 13.08
CA TRP B 127 7.55 -22.46 12.89
C TRP B 127 7.26 -21.86 11.51
N ILE B 128 8.10 -20.92 11.07
CA ILE B 128 7.86 -20.21 9.83
C ILE B 128 8.31 -21.00 8.61
N ARG B 129 9.27 -21.92 8.79
CA ARG B 129 9.69 -22.76 7.69
C ARG B 129 8.74 -23.93 7.51
N GLY B 130 8.27 -24.52 8.61
CA GLY B 130 7.29 -25.57 8.49
C GLY B 130 5.97 -25.03 7.94
N GLY B 131 5.61 -23.81 8.35
CA GLY B 131 4.41 -23.19 7.79
C GLY B 131 4.53 -22.95 6.30
N LEU B 132 5.68 -22.43 5.86
CA LEU B 132 5.88 -22.21 4.43
C LEU B 132 5.87 -23.53 3.66
N THR B 133 6.50 -24.57 4.21
CA THR B 133 6.51 -25.86 3.51
C THR B 133 5.10 -26.47 3.41
N MET B 134 4.27 -26.29 4.43
CA MET B 134 2.94 -26.91 4.39
C MET B 134 1.98 -26.11 3.51
N LEU B 135 2.20 -24.80 3.41
CA LEU B 135 1.37 -24.01 2.51
C LEU B 135 1.84 -24.17 1.07
N ALA B 136 3.13 -24.42 0.87
CA ALA B 136 3.61 -24.70 -0.47
C ALA B 136 3.16 -26.08 -0.94
N LEU B 137 3.05 -27.04 -0.03
CA LEU B 137 2.59 -28.37 -0.44
C LEU B 137 1.08 -28.37 -0.71
N LEU B 138 0.31 -27.52 -0.03
CA LEU B 138 -1.09 -27.37 -0.42
C LEU B 138 -1.21 -26.67 -1.77
N SER B 139 -0.38 -25.66 -2.02
CA SER B 139 -0.39 -25.01 -3.32
C SER B 139 0.00 -25.99 -4.42
N LEU B 140 0.97 -26.87 -4.14
CA LEU B 140 1.37 -27.89 -5.11
C LEU B 140 0.26 -28.89 -5.38
N ILE B 141 -0.52 -29.25 -4.35
CA ILE B 141 -1.65 -30.14 -4.60
C ILE B 141 -2.66 -29.46 -5.51
N MET B 142 -2.88 -28.15 -5.29
CA MET B 142 -3.77 -27.40 -6.17
C MET B 142 -3.25 -27.39 -7.60
N ASP B 143 -1.94 -27.22 -7.77
CA ASP B 143 -1.38 -27.18 -9.12
C ASP B 143 -1.47 -28.54 -9.79
N ALA B 144 -1.26 -29.62 -9.03
CA ALA B 144 -1.44 -30.96 -9.59
C ALA B 144 -2.87 -31.17 -10.08
N PHE B 145 -3.86 -30.72 -9.31
CA PHE B 145 -5.24 -30.73 -9.79
C PHE B 145 -5.42 -29.93 -11.08
N ARG B 146 -4.82 -28.74 -11.16
CA ARG B 146 -4.96 -27.96 -12.39
C ARG B 146 -4.27 -28.61 -13.59
N ILE B 147 -3.11 -29.23 -13.39
CA ILE B 147 -2.47 -29.95 -14.48
C ILE B 147 -3.32 -31.13 -14.92
N GLY B 148 -3.96 -31.81 -13.97
CA GLY B 148 -4.86 -32.90 -14.34
C GLY B 148 -6.03 -32.41 -15.16
N TYR B 149 -6.63 -31.28 -14.75
CA TYR B 149 -7.70 -30.70 -15.54
C TYR B 149 -7.23 -30.39 -16.95
N PHE B 150 -6.12 -29.65 -17.07
CA PHE B 150 -5.61 -29.27 -18.39
C PHE B 150 -5.48 -30.50 -19.26
N VAL B 151 -4.85 -31.55 -18.73
CA VAL B 151 -4.59 -32.76 -19.50
C VAL B 151 -5.89 -33.37 -19.98
N GLY B 152 -6.90 -33.43 -19.11
CA GLY B 152 -8.17 -33.97 -19.54
C GLY B 152 -8.93 -33.10 -20.54
N TYR B 153 -8.89 -31.78 -20.35
CA TYR B 153 -9.67 -30.82 -21.13
C TYR B 153 -8.84 -29.91 -22.06
N HIS B 154 -7.59 -30.27 -22.39
CA HIS B 154 -6.67 -29.45 -23.26
C HIS B 154 -7.12 -28.09 -23.80
N ALA B 159 -4.42 -22.79 -23.81
CA ALA B 159 -2.99 -22.96 -24.06
C ALA B 159 -2.18 -22.43 -22.88
N ALA B 160 -2.40 -21.16 -22.54
CA ALA B 160 -1.68 -20.57 -21.41
C ALA B 160 -2.12 -21.18 -20.09
N LEU B 161 -3.35 -21.68 -20.02
CA LEU B 161 -3.83 -22.33 -18.79
C LEU B 161 -3.23 -23.72 -18.58
N GLY B 162 -2.47 -24.24 -19.55
CA GLY B 162 -1.79 -25.50 -19.37
C GLY B 162 -0.34 -25.26 -19.01
N VAL B 163 0.25 -24.22 -19.61
CA VAL B 163 1.66 -23.92 -19.37
C VAL B 163 1.84 -23.14 -18.09
N TYR B 164 0.78 -22.50 -17.57
CA TYR B 164 0.91 -21.80 -16.30
C TYR B 164 1.05 -22.77 -15.14
N PRO B 165 0.06 -23.68 -14.85
CA PRO B 165 0.23 -24.68 -13.78
C PRO B 165 1.58 -25.40 -13.68
N ILE B 166 2.25 -25.63 -14.80
CA ILE B 166 3.48 -26.42 -14.76
C ILE B 166 4.65 -25.53 -14.37
N VAL B 167 4.65 -24.28 -14.81
CA VAL B 167 5.71 -23.38 -14.39
C VAL B 167 5.44 -22.91 -12.97
N HIS B 168 4.18 -22.98 -12.53
CA HIS B 168 3.86 -22.62 -11.16
C HIS B 168 4.32 -23.71 -10.21
N ALA B 169 4.12 -24.98 -10.59
CA ALA B 169 4.58 -26.08 -9.75
C ALA B 169 6.10 -26.10 -9.68
N LEU B 170 6.77 -25.89 -10.81
CA LEU B 170 8.23 -25.80 -10.78
C LEU B 170 8.69 -24.62 -9.93
N HIS B 171 7.98 -23.50 -10.02
CA HIS B 171 8.35 -22.32 -9.25
C HIS B 171 8.20 -22.59 -7.75
N THR B 172 7.13 -23.28 -7.35
CA THR B 172 6.93 -23.56 -5.93
C THR B 172 7.95 -24.57 -5.42
N ILE B 173 8.28 -25.59 -6.22
CA ILE B 173 9.31 -26.55 -5.80
C ILE B 173 10.66 -25.84 -5.63
N SER B 174 11.06 -25.06 -6.63
CA SER B 174 12.33 -24.36 -6.56
C SER B 174 12.34 -23.36 -5.41
N GLN B 175 11.21 -22.73 -5.12
CA GLN B 175 11.17 -21.72 -4.07
C GLN B 175 11.24 -22.36 -2.69
N VAL B 176 10.60 -23.51 -2.50
CA VAL B 176 10.75 -24.23 -1.23
C VAL B 176 12.20 -24.68 -1.06
N HIS B 177 12.79 -25.25 -2.12
CA HIS B 177 14.17 -25.71 -2.03
C HIS B 177 15.13 -24.55 -1.82
N PHE B 178 14.77 -23.35 -2.26
CA PHE B 178 15.62 -22.18 -2.07
C PHE B 178 15.50 -21.68 -0.65
N LEU B 179 14.27 -21.51 -0.15
CA LEU B 179 14.10 -20.97 1.19
C LEU B 179 14.71 -21.91 2.22
N TRP B 180 14.61 -23.22 1.98
CA TRP B 180 15.14 -24.17 2.96
C TRP B 180 16.66 -24.03 3.06
N PHE B 181 17.34 -24.14 1.91
CA PHE B 181 18.80 -24.15 1.82
C PHE B 181 19.33 -22.81 1.34
N HIS B 182 19.13 -21.75 2.14
CA HIS B 182 19.69 -20.44 1.84
C HIS B 182 20.70 -20.05 2.92
N ILE B 183 21.83 -19.50 2.49
CA ILE B 183 22.97 -19.17 3.34
C ILE B 183 23.21 -17.67 3.23
N LYS B 184 23.37 -17.01 4.37
CA LYS B 184 23.63 -15.57 4.38
C LYS B 184 25.09 -15.32 4.03
N ASP B 185 25.33 -14.53 2.98
CA ASP B 185 26.69 -14.19 2.57
C ASP B 185 26.68 -12.96 1.68
N LYS B 188 29.47 -13.14 -0.18
CA LYS B 188 29.55 -11.70 0.00
C LYS B 188 29.92 -11.00 -1.30
N LYS B 189 30.66 -11.69 -2.16
CA LYS B 189 31.05 -11.11 -3.44
C LYS B 189 29.82 -10.82 -4.30
N TYR B 190 28.85 -11.73 -4.30
CA TYR B 190 27.63 -11.60 -5.10
C TYR B 190 26.52 -11.02 -4.24
N GLU B 191 26.52 -9.69 -4.11
CA GLU B 191 25.45 -8.99 -3.41
C GLU B 191 24.46 -8.33 -4.35
N THR B 192 24.90 -7.83 -5.50
CA THR B 192 23.97 -7.27 -6.49
C THR B 192 23.09 -8.36 -7.08
N PHE B 193 23.68 -9.52 -7.36
CA PHE B 193 22.94 -10.67 -7.87
C PHE B 193 21.84 -11.07 -6.90
N GLU B 194 22.19 -11.23 -5.61
CA GLU B 194 21.21 -11.62 -4.62
C GLU B 194 20.16 -10.54 -4.44
N ARG B 195 20.55 -9.27 -4.49
CA ARG B 195 19.56 -8.20 -4.34
C ARG B 195 18.55 -8.24 -5.47
N PHE B 196 19.02 -8.30 -6.71
CA PHE B 196 18.09 -8.22 -7.82
C PHE B 196 17.23 -9.48 -7.91
N GLY B 197 17.71 -10.58 -7.31
CA GLY B 197 16.97 -11.81 -7.46
C GLY B 197 15.95 -11.96 -6.36
N VAL B 198 16.29 -11.54 -5.15
CA VAL B 198 15.31 -11.58 -4.09
C VAL B 198 14.22 -10.55 -4.37
N ILE B 199 14.57 -9.38 -4.93
CA ILE B 199 13.51 -8.40 -5.18
C ILE B 199 12.61 -8.89 -6.32
N HIS B 200 13.18 -9.58 -7.32
CA HIS B 200 12.34 -10.21 -8.34
C HIS B 200 11.41 -11.25 -7.72
N ALA B 201 11.92 -12.03 -6.76
CA ALA B 201 11.08 -13.04 -6.13
C ALA B 201 9.96 -12.40 -5.31
N VAL B 202 10.27 -11.30 -4.61
CA VAL B 202 9.26 -10.65 -3.78
C VAL B 202 8.12 -10.14 -4.66
N PHE B 203 8.45 -9.44 -5.75
CA PHE B 203 7.35 -8.86 -6.50
C PHE B 203 6.73 -9.85 -7.47
N THR B 204 7.39 -10.96 -7.77
CA THR B 204 6.73 -12.00 -8.54
C THR B 204 5.72 -12.72 -7.67
N ASN B 205 6.02 -12.85 -6.38
CA ASN B 205 5.09 -13.48 -5.46
C ASN B 205 3.93 -12.54 -5.17
N LEU B 206 4.19 -11.23 -5.12
CA LEU B 206 3.09 -10.28 -4.93
C LEU B 206 2.17 -10.31 -6.14
N LEU B 207 2.74 -10.32 -7.35
CA LEU B 207 1.89 -10.33 -8.53
C LEU B 207 1.11 -11.64 -8.62
N LEU B 208 1.68 -12.74 -8.10
CA LEU B 208 0.94 -13.99 -8.07
C LEU B 208 -0.18 -13.93 -7.05
N TRP B 209 0.06 -13.28 -5.92
CA TRP B 209 -1.00 -13.04 -4.94
C TRP B 209 -2.12 -12.22 -5.56
N CYS B 210 -1.76 -11.16 -6.29
CA CYS B 210 -2.77 -10.33 -6.93
C CYS B 210 -3.55 -11.11 -7.99
N ASN B 211 -2.86 -11.93 -8.78
CA ASN B 211 -3.54 -12.74 -9.76
C ASN B 211 -4.51 -13.72 -9.11
N GLY B 212 -4.10 -14.34 -8.01
CA GLY B 212 -4.99 -15.24 -7.30
C GLY B 212 -6.22 -14.53 -6.77
N VAL B 213 -6.00 -13.36 -6.14
CA VAL B 213 -7.11 -12.61 -5.56
C VAL B 213 -8.09 -12.15 -6.64
N MET B 214 -7.59 -11.77 -7.82
CA MET B 214 -8.44 -11.21 -8.86
C MET B 214 -9.10 -12.27 -9.73
N SER B 215 -8.51 -13.45 -9.87
CA SER B 215 -8.99 -14.48 -10.78
C SER B 215 -9.91 -15.49 -10.12
N GLU B 216 -9.82 -15.65 -8.79
CA GLU B 216 -10.79 -16.46 -8.06
C GLU B 216 -12.12 -15.75 -7.87
N THR B 217 -12.21 -14.46 -8.19
CA THR B 217 -13.47 -13.74 -8.15
C THR B 217 -14.47 -14.44 -9.09
N SER B 253 -16.35 -32.28 -12.02
CA SER B 253 -16.30 -33.41 -11.09
C SER B 253 -15.66 -32.96 -9.76
N MET B 254 -14.40 -33.36 -9.51
CA MET B 254 -13.69 -32.99 -8.29
C MET B 254 -12.77 -31.79 -8.48
N PHE B 255 -12.81 -31.15 -9.65
CA PHE B 255 -11.96 -30.00 -9.95
C PHE B 255 -12.61 -28.69 -9.56
N SER B 256 -13.88 -28.69 -9.18
CA SER B 256 -14.56 -27.50 -8.69
C SER B 256 -14.71 -27.53 -7.18
N THR B 257 -14.84 -28.73 -6.61
CA THR B 257 -14.97 -28.87 -5.17
C THR B 257 -13.62 -28.76 -4.47
N SER B 258 -12.51 -29.08 -5.16
CA SER B 258 -11.19 -29.07 -4.53
C SER B 258 -10.54 -27.69 -4.53
N LEU B 259 -10.73 -26.91 -5.60
CA LEU B 259 -10.13 -25.58 -5.59
C LEU B 259 -10.77 -24.73 -4.52
N TYR B 260 -12.08 -24.87 -4.31
CA TYR B 260 -12.77 -24.10 -3.29
C TYR B 260 -12.06 -24.25 -1.94
N TYR B 261 -11.64 -25.47 -1.61
CA TYR B 261 -10.92 -25.71 -0.36
C TYR B 261 -9.45 -25.31 -0.42
N LEU B 262 -8.83 -25.30 -1.61
CA LEU B 262 -7.38 -25.10 -1.69
C LEU B 262 -6.93 -23.70 -2.07
N TYR B 263 -7.82 -22.85 -2.60
CA TYR B 263 -7.40 -21.51 -2.99
C TYR B 263 -6.93 -20.65 -1.82
N PRO B 264 -7.56 -20.66 -0.63
CA PRO B 264 -7.10 -19.75 0.43
C PRO B 264 -5.66 -19.98 0.80
N PHE B 265 -5.20 -21.23 0.75
CA PHE B 265 -3.84 -21.55 1.14
C PHE B 265 -2.86 -21.14 0.07
N ASN B 266 -3.27 -21.17 -1.20
CA ASN B 266 -2.41 -20.65 -2.26
C ASN B 266 -2.21 -19.15 -2.09
N ILE B 267 -3.30 -18.41 -1.91
CA ILE B 267 -3.20 -16.95 -1.75
C ILE B 267 -2.37 -16.61 -0.51
N GLU B 268 -2.59 -17.37 0.58
CA GLU B 268 -1.87 -17.10 1.81
C GLU B 268 -0.40 -17.47 1.65
N TYR B 269 -0.12 -18.48 0.83
CA TYR B 269 1.25 -18.90 0.59
C TYR B 269 2.00 -17.81 -0.14
N HIS B 270 1.36 -17.19 -1.13
CA HIS B 270 2.07 -16.20 -1.93
C HIS B 270 2.31 -14.92 -1.16
N ILE B 271 1.37 -14.51 -0.30
CA ILE B 271 1.61 -13.29 0.46
C ILE B 271 2.67 -13.56 1.54
N PHE B 272 2.63 -14.75 2.14
CA PHE B 272 3.56 -15.08 3.20
C PHE B 272 4.99 -15.16 2.63
N VAL B 273 5.18 -15.90 1.53
CA VAL B 273 6.52 -16.05 1.00
C VAL B 273 7.03 -14.71 0.51
N SER B 274 6.14 -13.84 0.00
CA SER B 274 6.59 -12.51 -0.41
C SER B 274 7.06 -11.72 0.80
N ALA B 275 6.36 -11.82 1.92
CA ALA B 275 6.78 -11.13 3.13
C ALA B 275 8.15 -11.61 3.58
N MET B 276 8.34 -12.94 3.64
CA MET B 276 9.61 -13.48 4.11
C MET B 276 10.75 -13.12 3.16
N LEU B 277 10.49 -13.13 1.86
CA LEU B 277 11.53 -12.76 0.90
C LEU B 277 11.87 -11.27 0.98
N PHE B 278 10.90 -10.42 1.30
CA PHE B 278 11.23 -9.01 1.49
C PHE B 278 12.05 -8.83 2.75
N VAL B 279 11.70 -9.56 3.82
CA VAL B 279 12.49 -9.52 5.05
C VAL B 279 13.91 -10.01 4.78
N MET B 280 14.07 -10.95 3.87
CA MET B 280 15.39 -11.46 3.53
C MET B 280 16.13 -10.49 2.62
N TRP B 281 15.41 -9.67 1.86
CA TRP B 281 16.06 -8.68 1.00
C TRP B 281 16.70 -7.59 1.85
N LYS B 282 15.94 -7.02 2.79
CA LYS B 282 16.44 -5.89 3.56
C LYS B 282 17.73 -6.20 4.31
N ASN B 283 18.02 -7.47 4.57
CA ASN B 283 19.16 -7.87 5.39
C ASN B 283 20.36 -8.35 4.59
N ILE B 284 20.37 -8.17 3.27
CA ILE B 284 21.54 -8.54 2.49
C ILE B 284 22.70 -7.64 2.88
N GLY B 285 23.89 -8.22 2.99
CA GLY B 285 25.08 -7.43 3.31
C GLY B 285 25.06 -6.72 4.65
N ARG B 286 24.47 -7.33 5.66
CA ARG B 286 24.49 -6.77 7.02
C ARG B 286 24.67 -7.87 8.05
N LEU B 306 -10.43 -23.38 34.59
CA LEU B 306 -9.19 -23.88 34.03
C LEU B 306 -9.09 -23.56 32.55
N GLY B 307 -7.89 -23.11 32.12
CA GLY B 307 -7.63 -22.82 30.73
C GLY B 307 -7.68 -24.00 29.78
N PRO B 308 -7.11 -25.17 30.13
CA PRO B 308 -7.23 -26.30 29.20
C PRO B 308 -8.67 -26.73 28.99
N LEU B 309 -9.48 -26.71 30.05
CA LEU B 309 -10.87 -27.15 29.93
C LEU B 309 -11.63 -26.26 28.95
N GLY B 310 -11.45 -24.94 29.08
CA GLY B 310 -12.08 -24.04 28.14
C GLY B 310 -11.53 -24.25 26.73
N GLY B 311 -10.22 -24.51 26.63
CA GLY B 311 -9.63 -24.70 25.32
C GLY B 311 -10.22 -25.91 24.62
N LEU B 312 -10.44 -26.98 25.37
CA LEU B 312 -11.03 -28.18 24.78
C LEU B 312 -12.47 -27.94 24.39
N VAL B 313 -13.28 -27.35 25.29
CA VAL B 313 -14.64 -26.95 24.92
C VAL B 313 -14.64 -26.14 23.63
N ALA B 314 -13.67 -25.24 23.47
CA ALA B 314 -13.52 -24.46 22.24
C ALA B 314 -13.29 -25.37 21.03
N LEU B 315 -12.34 -26.29 21.14
CA LEU B 315 -12.01 -27.18 20.03
C LEU B 315 -13.22 -28.03 19.65
N ALA B 316 -13.89 -28.59 20.64
CA ALA B 316 -15.06 -29.44 20.40
C ALA B 316 -16.16 -28.64 19.71
N SER B 317 -16.45 -27.43 20.21
CA SER B 317 -17.50 -26.62 19.60
C SER B 317 -17.14 -26.24 18.17
N SER B 318 -15.86 -25.96 17.91
CA SER B 318 -15.43 -25.66 16.55
C SER B 318 -15.71 -26.82 15.62
N VAL B 319 -15.16 -28.00 15.95
CA VAL B 319 -15.29 -29.16 15.07
C VAL B 319 -16.77 -29.50 14.88
N SER B 320 -17.58 -29.35 15.93
CA SER B 320 -19.00 -29.60 15.79
C SER B 320 -19.62 -28.63 14.79
N VAL B 321 -19.43 -27.32 15.01
CA VAL B 321 -20.02 -26.31 14.13
C VAL B 321 -19.62 -26.58 12.68
N LEU B 322 -18.37 -27.02 12.47
CA LEU B 322 -17.90 -27.25 11.11
C LEU B 322 -18.61 -28.43 10.49
N VAL B 323 -18.72 -29.54 11.24
CA VAL B 323 -19.38 -30.72 10.70
C VAL B 323 -20.84 -30.39 10.39
N VAL B 324 -21.50 -29.67 11.31
CA VAL B 324 -22.89 -29.27 11.12
C VAL B 324 -23.03 -28.49 9.82
N TYR B 325 -22.15 -27.50 9.62
CA TYR B 325 -22.28 -26.64 8.46
C TYR B 325 -22.06 -27.44 7.18
N LEU B 326 -20.94 -28.17 7.10
CA LEU B 326 -20.60 -28.88 5.88
C LEU B 326 -21.56 -30.01 5.57
N ILE B 327 -22.28 -30.52 6.58
CA ILE B 327 -23.35 -31.48 6.28
C ILE B 327 -24.53 -30.75 5.65
N HIS B 328 -24.75 -29.49 6.03
CA HIS B 328 -25.88 -28.71 5.53
C HIS B 328 -25.46 -27.89 4.32
N MET B 335 -32.28 -25.14 7.52
CA MET B 335 -31.27 -26.15 7.27
C MET B 335 -29.89 -25.51 7.20
N HIS B 336 -29.71 -24.61 6.23
CA HIS B 336 -28.45 -23.90 6.04
C HIS B 336 -28.43 -22.55 6.75
N GLU B 337 -29.57 -21.86 6.80
CA GLU B 337 -29.61 -20.56 7.47
C GLU B 337 -29.39 -20.71 8.97
N ALA B 338 -29.95 -21.76 9.57
CA ALA B 338 -29.66 -22.06 10.97
C ALA B 338 -28.19 -22.38 11.17
N ALA B 339 -27.54 -23.01 10.19
CA ALA B 339 -26.12 -23.31 10.32
C ALA B 339 -25.28 -22.03 10.32
N VAL B 340 -25.59 -21.09 9.41
CA VAL B 340 -24.83 -19.84 9.39
C VAL B 340 -25.13 -19.02 10.65
N SER B 341 -26.37 -19.08 11.15
CA SER B 341 -26.67 -18.43 12.42
C SER B 341 -25.84 -19.04 13.55
N MET B 342 -25.70 -20.37 13.55
CA MET B 342 -24.89 -21.03 14.56
C MET B 342 -23.43 -20.61 14.44
N PHE B 343 -22.95 -20.44 13.21
CA PHE B 343 -21.59 -19.97 13.00
C PHE B 343 -21.40 -18.57 13.60
N TYR B 344 -22.35 -17.67 13.37
CA TYR B 344 -22.21 -16.32 13.90
C TYR B 344 -22.35 -16.28 15.42
N TYR B 345 -23.26 -17.07 15.99
CA TYR B 345 -23.37 -17.09 17.45
C TYR B 345 -22.12 -17.67 18.08
N TYR B 346 -21.56 -18.73 17.48
CA TYR B 346 -20.31 -19.30 17.95
C TYR B 346 -19.22 -18.24 17.93
N GLY B 347 -19.06 -17.59 16.77
CA GLY B 347 -18.01 -16.57 16.65
C GLY B 347 -18.15 -15.47 17.67
N VAL B 348 -19.39 -15.01 17.92
CA VAL B 348 -19.60 -13.92 18.88
C VAL B 348 -19.23 -14.36 20.28
N ALA B 349 -19.71 -15.52 20.71
CA ALA B 349 -19.39 -15.99 22.06
C ALA B 349 -17.89 -16.22 22.21
N MET B 350 -17.27 -16.83 21.20
CA MET B 350 -15.85 -17.12 21.24
C MET B 350 -15.03 -15.85 21.30
N MET B 351 -15.39 -14.85 20.50
CA MET B 351 -14.63 -13.62 20.52
C MET B 351 -14.84 -12.84 21.81
N ALA B 352 -16.03 -12.91 22.39
CA ALA B 352 -16.24 -12.26 23.68
C ALA B 352 -15.37 -12.88 24.77
N CYS B 353 -15.38 -14.22 24.88
CA CYS B 353 -14.58 -14.84 25.92
C CYS B 353 -13.08 -14.66 25.64
N MET B 354 -12.69 -14.59 24.36
CA MET B 354 -11.29 -14.32 24.05
C MET B 354 -10.90 -12.92 24.50
N CYS B 355 -11.68 -11.90 24.12
CA CYS B 355 -11.41 -10.55 24.60
C CYS B 355 -11.25 -10.52 26.11
N VAL B 356 -12.13 -11.24 26.83
CA VAL B 356 -12.01 -11.29 28.29
C VAL B 356 -10.68 -11.90 28.72
N GLY B 357 -10.25 -12.99 28.07
CA GLY B 357 -8.99 -13.60 28.45
C GLY B 357 -7.80 -12.71 28.20
N SER B 358 -7.73 -12.12 27.01
CA SER B 358 -6.61 -11.23 26.68
C SER B 358 -6.62 -9.99 27.59
N GLY B 359 -7.80 -9.44 27.86
CA GLY B 359 -7.87 -8.27 28.73
C GLY B 359 -7.44 -8.60 30.16
N THR B 360 -7.80 -9.79 30.64
CA THR B 360 -7.35 -10.16 31.98
C THR B 360 -5.84 -10.36 32.01
N GLY B 361 -5.26 -10.88 30.93
CA GLY B 361 -3.82 -10.95 30.86
C GLY B 361 -3.17 -9.58 30.89
N LEU B 362 -3.70 -8.65 30.11
CA LEU B 362 -3.18 -7.28 30.12
C LEU B 362 -3.32 -6.63 31.48
N LEU B 363 -4.42 -6.93 32.19
CA LEU B 363 -4.64 -6.37 33.50
C LEU B 363 -3.64 -6.93 34.50
N VAL B 364 -3.35 -8.23 34.41
CA VAL B 364 -2.34 -8.82 35.29
C VAL B 364 -0.98 -8.23 35.00
N TYR B 365 -0.69 -7.93 33.73
CA TYR B 365 0.56 -7.24 33.41
C TYR B 365 0.59 -5.84 34.03
N ARG B 366 -0.49 -5.07 33.86
CA ARG B 366 -0.50 -3.70 34.38
C ARG B 366 -0.37 -3.68 35.90
N MET B 367 -0.94 -4.66 36.60
CA MET B 367 -0.76 -4.71 38.04
C MET B 367 0.70 -4.93 38.41
N GLU B 368 1.33 -5.96 37.85
CA GLU B 368 2.74 -6.26 38.12
C GLU B 368 3.65 -5.38 37.27
N ASN B 369 3.92 -4.18 37.75
CA ASN B 369 4.70 -3.22 36.98
C ASN B 369 6.13 -3.74 36.79
N ARG B 370 6.53 -3.97 35.55
CA ARG B 370 7.84 -4.53 35.22
C ARG B 370 8.52 -3.63 34.21
N PRO B 371 9.86 -3.69 34.10
CA PRO B 371 10.59 -2.76 33.22
C PRO B 371 10.05 -2.64 31.79
N MET B 372 9.49 -3.73 31.25
CA MET B 372 8.88 -3.72 29.91
C MET B 372 9.91 -3.30 28.85
N ASP B 373 11.15 -3.78 29.02
CA ASP B 373 12.22 -3.53 28.07
C ASP B 373 12.88 -4.85 27.72
N THR B 374 13.32 -4.95 26.45
CA THR B 374 14.09 -6.06 25.86
C THR B 374 14.08 -7.40 26.58
N ASN B 377 15.33 -7.42 19.92
CA ASN B 377 15.52 -8.68 19.21
C ASN B 377 14.86 -8.56 17.83
N PRO B 378 15.62 -8.75 16.73
CA PRO B 378 14.98 -8.66 15.39
C PRO B 378 13.79 -9.59 15.20
N ALA B 379 13.89 -10.83 15.69
CA ALA B 379 12.79 -11.78 15.53
C ALA B 379 11.52 -11.27 16.20
N ARG B 380 11.64 -10.74 17.43
CA ARG B 380 10.48 -10.22 18.14
C ARG B 380 9.83 -9.07 17.38
N THR B 381 10.63 -8.29 16.66
CA THR B 381 10.12 -7.14 15.92
C THR B 381 9.39 -7.63 14.68
N LEU B 382 10.00 -8.57 13.97
CA LEU B 382 9.31 -9.17 12.83
C LEU B 382 8.00 -9.78 13.26
N ASP B 383 7.99 -10.48 14.40
CA ASP B 383 6.77 -11.12 14.88
C ASP B 383 5.69 -10.09 15.14
N THR B 384 6.05 -8.97 15.77
CA THR B 384 5.07 -7.90 16.03
C THR B 384 4.52 -7.33 14.72
N GLU B 385 5.40 -7.08 13.75
CA GLU B 385 4.93 -6.44 12.52
C GLU B 385 4.09 -7.40 11.69
N LEU B 386 4.44 -8.68 11.66
CA LEU B 386 3.61 -9.65 10.98
C LEU B 386 2.27 -9.81 11.67
N LEU B 387 2.27 -9.80 13.01
CA LEU B 387 1.03 -9.97 13.75
C LEU B 387 0.09 -8.80 13.51
N LEU B 388 0.61 -7.59 13.28
CA LEU B 388 -0.26 -6.45 13.04
C LEU B 388 -0.57 -6.24 11.56
N ALA B 389 0.24 -6.76 10.65
CA ALA B 389 -0.03 -6.63 9.23
C ALA B 389 -0.98 -7.70 8.72
N SER B 390 -1.10 -8.82 9.44
CA SER B 390 -2.01 -9.89 9.09
C SER B 390 -3.46 -9.57 9.43
N SER B 391 -3.70 -8.51 10.19
CA SER B 391 -5.03 -8.13 10.64
C SER B 391 -5.72 -7.15 9.71
N LEU B 392 -5.02 -6.64 8.69
CA LEU B 392 -5.64 -5.67 7.80
C LEU B 392 -6.82 -6.29 7.06
N GLY B 393 -6.69 -7.54 6.65
CA GLY B 393 -7.77 -8.21 5.95
C GLY B 393 -9.03 -8.35 6.78
N SER B 394 -8.87 -8.87 8.00
CA SER B 394 -10.02 -9.04 8.88
C SER B 394 -10.62 -7.71 9.29
N TRP B 395 -9.79 -6.68 9.47
CA TRP B 395 -10.31 -5.38 9.84
C TRP B 395 -11.09 -4.76 8.69
N LEU B 396 -10.59 -4.92 7.45
CA LEU B 396 -11.32 -4.42 6.30
C LEU B 396 -12.65 -5.16 6.16
N MET B 397 -12.65 -6.47 6.35
CA MET B 397 -13.89 -7.24 6.26
C MET B 397 -14.89 -6.79 7.32
N SER B 398 -14.41 -6.55 8.55
CA SER B 398 -15.31 -6.15 9.62
C SER B 398 -15.85 -4.76 9.40
N TRP B 399 -15.02 -3.84 8.89
CA TRP B 399 -15.51 -2.48 8.67
C TRP B 399 -16.42 -2.41 7.45
N CYS B 400 -16.21 -3.26 6.44
CA CYS B 400 -17.18 -3.34 5.35
C CYS B 400 -18.52 -3.86 5.86
N SER B 401 -18.49 -4.88 6.72
CA SER B 401 -19.74 -5.38 7.28
C SER B 401 -20.45 -4.32 8.12
N VAL B 402 -19.68 -3.53 8.90
CA VAL B 402 -20.29 -2.51 9.74
C VAL B 402 -20.87 -1.38 8.88
N VAL B 403 -20.16 -0.97 7.83
CA VAL B 403 -20.68 0.07 6.95
C VAL B 403 -21.96 -0.40 6.27
N ALA B 404 -21.98 -1.64 5.78
CA ALA B 404 -23.20 -2.16 5.17
C ALA B 404 -24.33 -2.23 6.17
N SER B 405 -24.02 -2.62 7.41
CA SER B 405 -25.06 -2.76 8.43
C SER B 405 -25.67 -1.40 8.78
N VAL B 406 -24.84 -0.38 8.99
CA VAL B 406 -25.41 0.92 9.34
C VAL B 406 -26.10 1.54 8.13
N ALA B 407 -25.60 1.28 6.91
CA ALA B 407 -26.26 1.83 5.74
C ALA B 407 -27.66 1.24 5.60
N GLU B 408 -27.80 -0.06 5.83
CA GLU B 408 -29.10 -0.69 5.70
C GLU B 408 -30.00 -0.28 6.86
N ALA B 409 -29.44 -0.10 8.04
CA ALA B 409 -30.24 0.33 9.18
C ALA B 409 -30.76 1.74 9.00
N GLY B 410 -30.03 2.58 8.26
CA GLY B 410 -30.53 3.91 7.96
C GLY B 410 -31.84 3.91 7.18
N GLN B 411 -32.08 2.85 6.40
CA GLN B 411 -33.33 2.74 5.68
C GLN B 411 -34.52 2.36 6.57
N LYS B 412 -34.28 2.06 7.86
CA LYS B 412 -35.32 1.58 8.77
C LYS B 412 -35.93 0.30 8.20
N SER B 413 -35.04 -0.72 7.97
CA SER B 413 -35.45 -1.97 7.35
C SER B 413 -35.54 -3.11 8.37
N PRO B 414 -36.40 -4.10 8.16
CA PRO B 414 -36.45 -5.24 9.10
C PRO B 414 -35.21 -6.13 9.06
N SER B 415 -34.34 -5.96 8.07
CA SER B 415 -33.20 -6.86 7.91
C SER B 415 -32.14 -6.64 8.98
N PHE B 416 -31.98 -5.40 9.46
CA PHE B 416 -30.91 -5.06 10.40
C PHE B 416 -30.93 -5.98 11.63
N SER B 417 -29.83 -6.71 11.81
CA SER B 417 -29.61 -7.58 12.94
C SER B 417 -28.31 -7.21 13.64
N TRP B 418 -28.27 -7.41 14.95
CA TRP B 418 -27.13 -7.01 15.76
C TRP B 418 -26.11 -8.12 15.94
N THR B 419 -26.33 -9.29 15.35
CA THR B 419 -25.35 -10.37 15.43
C THR B 419 -24.28 -10.27 14.34
N SER B 420 -24.46 -9.38 13.36
CA SER B 420 -23.42 -9.12 12.37
C SER B 420 -22.64 -7.87 12.73
N LEU B 421 -23.32 -6.90 13.35
CA LEU B 421 -22.64 -5.71 13.83
C LEU B 421 -21.81 -6.08 15.04
N THR B 422 -22.35 -6.90 15.94
CA THR B 422 -21.60 -7.27 17.13
C THR B 422 -20.42 -8.12 16.72
N TYR B 423 -20.65 -9.08 15.82
CA TYR B 423 -19.58 -9.99 15.40
C TYR B 423 -18.46 -9.23 14.69
N SER B 424 -18.78 -8.12 14.00
CA SER B 424 -17.73 -7.35 13.35
C SER B 424 -16.97 -6.48 14.35
N LEU B 425 -17.68 -5.81 15.25
CA LEU B 425 -16.99 -4.99 16.24
C LEU B 425 -16.15 -5.87 17.16
N LEU B 426 -16.62 -7.10 17.43
CA LEU B 426 -15.84 -8.02 18.24
C LEU B 426 -14.62 -8.53 17.48
N LEU B 427 -14.75 -8.74 16.17
CA LEU B 427 -13.56 -9.04 15.36
C LEU B 427 -12.49 -7.96 15.55
N VAL B 428 -12.88 -6.70 15.36
CA VAL B 428 -11.92 -5.60 15.47
C VAL B 428 -11.31 -5.57 16.87
N LEU B 429 -12.16 -5.53 17.90
CA LEU B 429 -11.68 -5.37 19.26
C LEU B 429 -10.88 -6.58 19.73
N GLU B 430 -11.26 -7.78 19.29
CA GLU B 430 -10.57 -8.99 19.73
C GLU B 430 -9.16 -9.04 19.14
N LYS B 431 -9.01 -8.69 17.86
CA LYS B 431 -7.65 -8.76 17.33
C LYS B 431 -6.81 -7.59 17.81
N CYS B 432 -7.43 -6.46 18.20
CA CYS B 432 -6.66 -5.40 18.82
C CYS B 432 -6.13 -5.81 20.18
N ILE B 433 -7.02 -6.33 21.04
CA ILE B 433 -6.60 -6.69 22.39
C ILE B 433 -5.60 -7.85 22.31
N GLN B 434 -5.82 -8.80 21.41
CA GLN B 434 -4.91 -9.93 21.29
C GLN B 434 -3.52 -9.46 20.88
N ASN B 435 -3.46 -8.58 19.87
CA ASN B 435 -2.17 -8.05 19.43
C ASN B 435 -1.46 -7.41 20.61
N LEU B 436 -2.17 -6.52 21.32
CA LEU B 436 -1.61 -5.86 22.50
C LEU B 436 -1.07 -6.86 23.50
N PHE B 437 -1.84 -7.92 23.78
CA PHE B 437 -1.43 -8.90 24.78
C PHE B 437 -0.18 -9.66 24.33
N ILE B 438 -0.15 -10.12 23.09
CA ILE B 438 0.99 -10.89 22.60
C ILE B 438 2.24 -10.03 22.60
N VAL B 439 2.10 -8.77 22.16
CA VAL B 439 3.29 -7.91 22.08
C VAL B 439 3.77 -7.60 23.48
N GLU B 440 2.86 -7.32 24.42
CA GLU B 440 3.30 -7.02 25.76
C GLU B 440 3.87 -8.26 26.42
N SER B 441 3.50 -9.46 25.93
CA SER B 441 3.95 -10.71 26.52
C SER B 441 5.31 -11.11 25.99
N LEU B 442 5.75 -10.51 24.87
CA LEU B 442 7.01 -10.86 24.24
C LEU B 442 8.12 -9.89 24.60
N TYR B 443 7.79 -8.62 24.81
CA TYR B 443 8.77 -7.59 25.15
C TYR B 443 9.02 -7.49 26.65
N ARG B 444 8.41 -8.35 27.46
CA ARG B 444 8.51 -8.27 28.91
C ARG B 444 9.61 -9.20 29.43
N GLY B 512 2.47 -16.15 42.86
CA GLY B 512 2.33 -17.48 42.31
C GLY B 512 1.08 -17.63 41.46
N ARG B 513 0.00 -16.96 41.88
CA ARG B 513 -1.27 -17.07 41.18
C ARG B 513 -1.29 -16.28 39.89
N LYS B 514 -0.37 -15.33 39.72
CA LYS B 514 -0.26 -14.64 38.44
C LYS B 514 0.37 -15.56 37.40
N ARG B 515 1.32 -16.39 37.82
CA ARG B 515 1.93 -17.30 36.86
C ARG B 515 0.92 -18.33 36.37
N GLN B 516 0.11 -18.88 37.29
CA GLN B 516 -0.95 -19.80 36.88
C GLN B 516 -1.97 -19.09 36.01
N ILE B 517 -2.21 -17.80 36.27
CA ILE B 517 -3.26 -17.12 35.53
C ILE B 517 -2.78 -16.83 34.11
N LEU B 518 -1.50 -16.54 33.95
CA LEU B 518 -0.97 -16.30 32.62
C LEU B 518 -0.81 -17.60 31.84
N LYS B 519 -0.41 -18.68 32.52
CA LYS B 519 -0.38 -19.98 31.84
C LYS B 519 -1.75 -20.35 31.31
N ASN B 520 -2.78 -20.25 32.16
CA ASN B 520 -4.12 -20.63 31.72
C ASN B 520 -4.68 -19.67 30.66
N ILE B 521 -4.31 -18.39 30.70
CA ILE B 521 -4.75 -17.48 29.64
C ILE B 521 -4.07 -17.81 28.32
N CYS B 522 -2.76 -18.08 28.35
CA CYS B 522 -2.07 -18.38 27.10
C CYS B 522 -2.57 -19.69 26.50
N MET B 523 -2.80 -20.71 27.32
CA MET B 523 -3.31 -21.96 26.79
C MET B 523 -4.74 -21.80 26.26
N PHE B 524 -5.56 -21.03 26.96
CA PHE B 524 -6.93 -20.81 26.49
C PHE B 524 -6.94 -20.09 25.14
N LEU B 525 -6.05 -19.11 24.95
CA LEU B 525 -6.06 -18.40 23.67
C LEU B 525 -5.42 -19.24 22.59
N PHE B 526 -4.40 -20.04 22.92
CA PHE B 526 -3.86 -21.02 21.99
C PHE B 526 -4.97 -21.88 21.39
N MET B 527 -5.77 -22.49 22.27
CA MET B 527 -6.83 -23.37 21.78
C MET B 527 -7.95 -22.59 21.10
N CYS B 528 -8.24 -21.37 21.53
CA CYS B 528 -9.27 -20.59 20.85
C CYS B 528 -8.84 -20.18 19.46
N ASN B 529 -7.58 -19.79 19.28
CA ASN B 529 -7.11 -19.44 17.95
C ASN B 529 -7.06 -20.66 17.05
N ILE B 530 -6.75 -21.83 17.60
CA ILE B 530 -6.84 -23.05 16.80
C ILE B 530 -8.29 -23.28 16.38
N SER B 531 -9.23 -23.07 17.31
CA SER B 531 -10.64 -23.28 17.01
C SER B 531 -11.16 -22.29 15.99
N LEU B 532 -10.54 -21.12 15.89
CA LEU B 532 -10.99 -20.07 14.97
C LEU B 532 -10.24 -20.15 13.65
N TRP B 533 -9.13 -20.89 13.62
CA TRP B 533 -8.44 -21.23 12.39
C TRP B 533 -9.06 -22.44 11.69
N ILE B 534 -9.63 -23.37 12.45
CA ILE B 534 -10.12 -24.58 11.80
C ILE B 534 -11.37 -24.29 10.98
N LEU B 535 -12.21 -23.36 11.43
CA LEU B 535 -13.46 -23.08 10.73
C LEU B 535 -13.23 -22.58 9.31
N PRO B 536 -12.54 -21.46 9.08
CA PRO B 536 -12.30 -21.02 7.70
C PRO B 536 -11.47 -21.98 6.88
N ALA B 537 -10.46 -22.63 7.49
CA ALA B 537 -9.59 -23.52 6.75
C ALA B 537 -10.34 -24.72 6.18
N PHE B 538 -11.28 -25.28 6.93
CA PHE B 538 -11.96 -26.50 6.54
C PHE B 538 -13.27 -26.24 5.79
N GLY B 539 -13.45 -25.04 5.22
CA GLY B 539 -14.59 -24.76 4.38
C GLY B 539 -15.76 -24.06 5.04
N CYS B 540 -15.64 -23.65 6.29
CA CYS B 540 -16.71 -22.88 6.95
C CYS B 540 -16.51 -21.39 6.66
N ARG B 541 -16.71 -21.04 5.38
CA ARG B 541 -16.64 -19.66 4.93
C ARG B 541 -17.99 -19.16 4.44
N PRO B 542 -18.93 -18.85 5.33
CA PRO B 542 -20.28 -18.46 4.90
C PRO B 542 -20.43 -16.99 4.53
N GLN B 543 -19.36 -16.20 4.67
CA GLN B 543 -19.43 -14.77 4.42
C GLN B 543 -19.75 -14.45 2.96
N TYR B 544 -19.26 -15.27 2.03
CA TYR B 544 -19.39 -14.94 0.61
C TYR B 544 -20.85 -14.81 0.19
N ASP B 545 -21.74 -15.63 0.74
CA ASP B 545 -23.13 -15.62 0.32
C ASP B 545 -23.98 -14.61 1.08
N ASN B 546 -23.36 -13.72 1.86
CA ASN B 546 -24.10 -12.70 2.60
C ASN B 546 -24.84 -11.79 1.61
N PRO B 547 -26.18 -11.70 1.64
CA PRO B 547 -26.85 -10.81 0.68
C PRO B 547 -26.72 -9.33 1.01
N LEU B 548 -26.37 -8.98 2.25
CA LEU B 548 -26.30 -7.58 2.63
C LEU B 548 -25.06 -6.91 2.06
N GLU B 549 -23.89 -7.52 2.24
CA GLU B 549 -22.70 -6.89 1.70
C GLU B 549 -22.57 -7.18 0.21
N ASN B 550 -23.34 -8.13 -0.31
CA ASN B 550 -23.37 -8.36 -1.75
C ASN B 550 -24.20 -7.28 -2.43
N GLU B 551 -25.22 -6.76 -1.74
CA GLU B 551 -26.03 -5.68 -2.30
C GLU B 551 -25.45 -4.30 -2.04
N THR B 552 -24.74 -4.11 -0.93
CA THR B 552 -24.13 -2.81 -0.66
C THR B 552 -22.89 -2.58 -1.52
N PHE B 553 -21.92 -3.50 -1.45
CA PHE B 553 -20.66 -3.36 -2.16
C PHE B 553 -20.65 -3.98 -3.54
N GLY B 554 -21.57 -4.88 -3.84
CA GLY B 554 -21.52 -5.63 -5.08
C GLY B 554 -20.79 -6.94 -4.91
N THR B 555 -21.15 -7.92 -5.74
CA THR B 555 -20.62 -9.27 -5.56
C THR B 555 -19.11 -9.31 -5.80
N SER B 556 -18.63 -8.63 -6.83
CA SER B 556 -17.21 -8.67 -7.13
C SER B 556 -16.37 -8.02 -6.04
N VAL B 557 -16.79 -6.85 -5.55
CA VAL B 557 -16.01 -6.17 -4.51
C VAL B 557 -16.04 -6.96 -3.21
N TRP B 558 -17.20 -7.53 -2.87
CA TRP B 558 -17.27 -8.30 -1.63
C TRP B 558 -16.42 -9.56 -1.71
N THR B 559 -16.50 -10.29 -2.82
CA THR B 559 -15.68 -11.49 -2.92
C THR B 559 -14.20 -11.17 -3.00
N THR B 560 -13.82 -10.01 -3.56
CA THR B 560 -12.39 -9.69 -3.56
C THR B 560 -11.92 -9.29 -2.17
N VAL B 561 -12.77 -8.59 -1.40
CA VAL B 561 -12.41 -8.24 -0.04
C VAL B 561 -12.26 -9.50 0.79
N LEU B 562 -13.11 -10.49 0.56
CA LEU B 562 -13.02 -11.72 1.31
C LEU B 562 -11.83 -12.55 0.86
N ASN B 563 -11.50 -12.53 -0.44
CA ASN B 563 -10.31 -13.24 -0.90
C ASN B 563 -9.05 -12.62 -0.32
N VAL B 564 -9.04 -11.31 -0.09
CA VAL B 564 -7.88 -10.71 0.56
C VAL B 564 -7.88 -11.02 2.05
N ALA B 565 -9.06 -11.13 2.67
CA ALA B 565 -9.14 -11.15 4.12
C ALA B 565 -9.02 -12.54 4.73
N ILE B 566 -9.63 -13.55 4.12
CA ILE B 566 -9.74 -14.87 4.75
C ILE B 566 -8.36 -15.54 4.75
N PRO B 567 -7.58 -15.46 3.67
CA PRO B 567 -6.18 -15.95 3.76
C PRO B 567 -5.34 -15.25 4.82
N LEU B 568 -5.39 -13.92 4.87
CA LEU B 568 -4.70 -13.19 5.94
C LEU B 568 -5.24 -13.58 7.30
N ASN B 569 -6.54 -13.89 7.39
CA ASN B 569 -7.10 -14.32 8.67
C ASN B 569 -6.52 -15.67 9.11
N LEU B 570 -6.38 -16.60 8.16
CA LEU B 570 -5.77 -17.90 8.49
C LEU B 570 -4.34 -17.70 8.96
N PHE B 571 -3.58 -16.87 8.23
CA PHE B 571 -2.20 -16.61 8.64
C PHE B 571 -2.16 -16.00 10.03
N TYR B 572 -3.01 -15.01 10.29
CA TYR B 572 -3.01 -14.36 11.60
C TYR B 572 -3.28 -15.37 12.69
N ARG B 573 -4.32 -16.18 12.52
CA ARG B 573 -4.67 -17.14 13.56
C ARG B 573 -3.54 -18.10 13.85
N MET B 574 -2.86 -18.62 12.82
CA MET B 574 -1.84 -19.61 13.11
C MET B 574 -0.54 -18.96 13.60
N HIS B 575 -0.22 -17.75 13.13
CA HIS B 575 0.89 -17.00 13.69
C HIS B 575 0.64 -16.68 15.16
N SER B 576 -0.60 -16.35 15.51
CA SER B 576 -0.94 -16.08 16.89
C SER B 576 -0.84 -17.35 17.74
N VAL B 577 -1.18 -18.50 17.16
CA VAL B 577 -1.02 -19.75 17.89
C VAL B 577 0.45 -20.00 18.19
N ALA B 578 1.32 -19.76 17.20
CA ALA B 578 2.76 -19.92 17.42
C ALA B 578 3.27 -18.96 18.49
N SER B 579 2.89 -17.68 18.39
CA SER B 579 3.32 -16.69 19.36
C SER B 579 2.81 -17.02 20.76
N LEU B 580 1.59 -17.55 20.85
CA LEU B 580 1.02 -17.87 22.16
C LEU B 580 1.72 -19.06 22.78
N PHE B 581 2.15 -20.04 21.97
CA PHE B 581 2.92 -21.13 22.53
C PHE B 581 4.29 -20.65 22.98
N GLU B 582 4.92 -19.78 22.19
CA GLU B 582 6.23 -19.24 22.58
C GLU B 582 6.11 -18.46 23.88
N VAL B 583 5.04 -17.69 24.05
CA VAL B 583 4.81 -17.00 25.32
C VAL B 583 4.57 -18.02 26.43
N PHE B 584 3.87 -19.11 26.11
CA PHE B 584 3.48 -20.05 27.16
C PHE B 584 4.70 -20.79 27.71
N ARG B 585 5.74 -20.94 26.89
CA ARG B 585 6.91 -21.68 27.36
C ARG B 585 7.76 -20.82 28.31
N LYS B 586 7.91 -19.53 28.02
CA LYS B 586 8.62 -18.63 28.90
C LYS B 586 7.94 -18.55 30.27
CAA Y01 C . -1.32 2.44 1.95
CBA Y01 C . -0.35 3.61 2.11
CAB Y01 C . -0.48 4.20 3.51
CAN Y01 C . -0.54 4.66 1.02
CAJ Y01 C . -1.94 5.21 0.84
CAO Y01 C . -2.78 4.48 -0.21
CBB Y01 C . -4.17 3.95 0.21
CAC Y01 C . -4.94 5.05 0.94
CBE Y01 C . -4.88 3.35 -1.02
CAP Y01 C . -4.19 2.01 -1.44
CAQ Y01 C . -5.25 1.13 -2.13
CBG Y01 C . -6.47 2.04 -2.23
CBI Y01 C . -6.40 2.97 -1.00
CAE Y01 C . -6.74 2.24 0.31
CAU Y01 C . -7.40 4.10 -1.28
CAS Y01 C . -8.81 3.61 -1.64
CBF Y01 C . -8.83 2.59 -2.79
CBD Y01 C . -7.85 1.43 -2.51
CAK Y01 C . -7.77 0.45 -3.68
CAI Y01 C . -8.97 0.45 -4.56
CAZ Y01 C . -10.14 1.00 -4.24
CAV Y01 C . -11.42 0.58 -4.93
CBH Y01 C . -10.26 2.09 -3.19
CAD Y01 C . -11.05 1.53 -1.99
CAT Y01 C . -11.05 3.25 -3.82
CAR Y01 C . -12.34 2.85 -4.53
CBC Y01 C . -12.11 1.76 -5.56
OAW Y01 C . -13.41 1.29 -6.06
CAY Y01 C . -13.43 0.51 -7.14
OAG Y01 C . -12.45 0.12 -7.70
CAM Y01 C . -14.83 0.11 -7.51
CAL Y01 C . -14.98 -1.28 -8.08
CAX Y01 C . -16.13 -1.43 -9.08
OAH Y01 C . -17.13 -2.08 -8.74
OAF Y01 C . -16.00 -0.91 -10.20
CAA Y01 D . 0.54 7.22 -2.23
CBA Y01 D . 1.70 6.24 -2.34
CAB Y01 D . 2.31 5.97 -0.97
CAN Y01 D . 1.26 4.92 -3.01
CAJ Y01 D . 0.63 5.01 -4.37
CAO Y01 D . 0.29 3.66 -4.95
CBB Y01 D . -0.64 3.67 -6.18
CAC Y01 D . 0.04 2.89 -7.30
CBE Y01 D . -2.06 3.14 -5.87
CAP Y01 D . -2.71 3.85 -4.65
CAQ Y01 D . -4.15 4.23 -5.03
CBG Y01 D . -4.46 3.25 -6.15
CBI Y01 D . -3.17 3.20 -6.99
CAE Y01 D . -2.99 4.49 -7.83
CAU Y01 D . -3.33 1.97 -7.89
CAS Y01 D . -4.53 2.09 -8.83
CBF Y01 D . -5.86 2.39 -8.09
CBD Y01 D . -5.73 3.44 -6.97
CAK Y01 D . -6.95 3.35 -6.06
CAI Y01 D . -8.21 3.23 -6.85
CAZ Y01 D . -8.27 3.15 -8.17
CAV Y01 D . -9.57 3.38 -8.91
CBH Y01 D . -7.06 2.77 -9.02
CAD Y01 D . -6.72 3.93 -9.98
CAT Y01 D . -7.51 1.53 -9.84
CAR Y01 D . -8.82 1.73 -10.60
CBC Y01 D . -9.95 2.15 -9.72
OAW Y01 D . -11.11 2.46 -10.55
CAY Y01 D . -12.28 2.77 -10.00
OAG Y01 D . -12.47 2.92 -8.83
CAM Y01 D . -13.36 2.92 -11.03
CAL Y01 D . -14.56 2.01 -10.85
CAX Y01 D . -15.61 2.11 -11.94
OAH Y01 D . -16.62 1.40 -11.85
OAF Y01 D . -15.40 2.91 -12.88
C11 A1BKU E . 6.33 24.18 -3.76
C13 A1BKU E . 7.74 22.17 -2.79
C17 A1BKU E . 11.13 21.49 -1.46
C19 A1BKU E . 9.21 20.33 -1.57
C01 A1BKU E . 9.47 28.52 -1.94
C02 A1BKU E . 9.06 27.28 -2.23
C03 A1BKU E . 9.91 26.05 -2.07
C04 A1BKU E . 7.68 26.80 -2.76
C06 A1BKU E . 6.37 25.53 -4.21
C07 A1BKU E . 5.27 26.14 -4.83
C08 A1BKU E . 4.07 25.45 -5.02
C09 A1BKU E . 3.99 24.14 -4.59
C10 A1BKU E . 5.10 23.53 -3.98
C15 A1BKU E . 9.03 21.60 -2.15
C20 A1BKU E . 8.32 19.20 -1.39
N12 A1BKU E . 7.51 23.56 -3.12
N16 A1BKU E . 10.23 22.30 -2.07
N18 A1BKU E . 10.55 20.25 -1.13
O05 A1BKU E . 7.53 26.29 -4.06
O14 A1BKU E . 6.88 21.36 -3.04
C11 A1BKU F . 3.87 8.11 3.63
C13 A1BKU F . 6.31 7.78 4.50
C17 A1BKU F . 9.70 8.64 3.44
C19 A1BKU F . 8.81 7.79 5.32
C01 A1BKU F . 5.45 11.03 -0.66
C02 A1BKU F . 4.53 10.08 -0.46
C03 A1BKU F . 3.93 9.21 -1.53
C04 A1BKU F . 3.88 9.69 0.86
C06 A1BKU F . 3.07 8.17 2.46
C07 A1BKU F . 1.67 8.07 2.50
C08 A1BKU F . 1.01 7.87 3.71
C09 A1BKU F . 1.75 7.81 4.89
C10 A1BKU F . 3.14 7.94 4.83
C15 A1BKU F . 7.80 8.03 4.36
C20 A1BKU F . 8.80 7.25 6.70
N12 A1BKU F . 5.32 8.26 3.57
N16 A1BKU F . 8.38 8.55 3.22
N18 A1BKU F . 10.03 8.19 4.74
O05 A1BKU F . 3.69 8.36 1.21
O14 A1BKU F . 5.95 7.17 5.49
C1 CLR G . 2.91 -0.03 13.62
C2 CLR G . 3.80 -0.39 14.80
C3 CLR G . 3.91 -1.89 14.98
C4 CLR G . 4.42 -2.52 13.70
C5 CLR G . 3.55 -2.15 12.51
C6 CLR G . 2.98 -3.09 11.77
C7 CLR G . 2.31 -2.85 10.46
C8 CLR G . 2.37 -1.40 10.00
C9 CLR G . 2.22 -0.46 11.21
C10 CLR G . 3.34 -0.65 12.27
C11 CLR G . 2.02 1.01 10.78
C12 CLR G . 0.93 1.19 9.72
C13 CLR G . 1.18 0.32 8.48
C14 CLR G . 1.24 -1.12 9.01
C15 CLR G . 1.10 -2.03 7.79
C16 CLR G . 0.35 -1.16 6.76
C17 CLR G . 0.01 0.18 7.46
C18 CLR G . 2.48 0.75 7.76
C19 CLR G . 4.70 -0.05 11.83
C20 CLR G . -0.31 1.33 6.47
C21 CLR G . -0.96 2.52 7.17
C22 CLR G . -1.21 0.86 5.31
C23 CLR G . -2.60 0.34 5.65
C24 CLR G . -3.59 0.39 4.49
C25 CLR G . -3.62 -0.78 3.51
C26 CLR G . -2.25 -1.16 2.97
C27 CLR G . -4.55 -0.46 2.35
O1 CLR G . 4.79 -2.20 16.07
C1 CLR H . -6.65 31.22 -16.71
C2 CLR H . -7.51 31.75 -17.85
C3 CLR H . -7.70 33.25 -17.76
C4 CLR H . -6.33 33.93 -17.71
C5 CLR H . -5.47 33.37 -16.60
C6 CLR H . -4.96 34.17 -15.67
C7 CLR H . -3.93 33.78 -14.67
C8 CLR H . -3.42 32.35 -14.86
C9 CLR H . -4.58 31.43 -15.26
C10 CLR H . -5.26 31.87 -16.60
C11 CLR H . -4.18 29.95 -15.21
C12 CLR H . -3.50 29.53 -13.91
C13 CLR H . -2.28 30.40 -13.59
C14 CLR H . -2.80 31.85 -13.57
C15 CLR H . -1.68 32.67 -12.94
C16 CLR H . -0.99 31.69 -11.98
C17 CLR H . -1.71 30.31 -12.13
C18 CLR H . -1.15 30.18 -14.62
C19 CLR H . -4.42 31.50 -17.84
C20 CLR H . -0.83 29.12 -11.69
C21 CLR H . -1.47 27.76 -11.92
C22 CLR H . -0.45 29.23 -10.20
C23 CLR H . 0.78 28.47 -9.79
C24 CLR H . 1.22 28.81 -8.38
C25 CLR H . 2.52 28.15 -7.92
C26 CLR H . 2.43 26.63 -7.98
C27 CLR H . 2.89 28.61 -6.52
O1 CLR H . -8.45 33.73 -18.87
C1 CLR I . -8.68 33.79 -13.07
C2 CLR I . -9.99 33.86 -13.87
C3 CLR I . -10.27 32.56 -14.60
C4 CLR I . -10.27 31.40 -13.61
C5 CLR I . -9.00 31.36 -12.80
C6 CLR I . -8.22 30.28 -12.80
C7 CLR I . -7.19 29.98 -11.76
C8 CLR I . -6.98 31.13 -10.78
C9 CLR I . -7.17 32.47 -11.51
C10 CLR I . -8.62 32.63 -12.05
C11 CLR I . -6.68 33.67 -10.68
C12 CLR I . -5.29 33.48 -10.06
C13 CLR I . -5.20 32.20 -9.22
C14 CLR I . -5.57 31.06 -10.21
C15 CLR I . -5.15 29.78 -9.49
C16 CLR I . -3.98 30.22 -8.59
C17 CLR I . -3.78 31.75 -8.79
C18 CLR I . -6.15 32.29 -8.00
C19 CLR I . -9.66 32.87 -10.93
C20 CLR I . -3.09 32.42 -7.58
C21 CLR I . -3.04 33.93 -7.71
C22 CLR I . -1.67 31.88 -7.37
C23 CLR I . -1.11 32.04 -5.99
C24 CLR I . 0.33 31.57 -5.89
C25 CLR I . 1.01 31.75 -4.52
C26 CLR I . 0.94 33.19 -4.02
C27 CLR I . 0.42 30.80 -3.49
O1 CLR I . -11.53 32.63 -15.26
CAA Y01 J . 1.71 -2.43 -1.66
CBA Y01 J . 2.25 -3.48 -0.71
CAB Y01 J . 3.60 -3.99 -1.20
CAN Y01 J . 1.25 -4.61 -0.51
CAJ Y01 J . 0.73 -5.29 -1.75
CAO Y01 J . -0.58 -4.72 -2.29
CBB Y01 J . -0.62 -4.29 -3.77
CAC Y01 J . -0.04 -5.41 -4.65
CBE Y01 J . -2.05 -3.84 -4.14
CAP Y01 J . -2.38 -2.48 -3.45
CAQ Y01 J . -3.42 -1.75 -4.32
CBG Y01 J . -3.79 -2.78 -5.39
CBI Y01 J . -2.50 -3.61 -5.62
CAE Y01 J . -1.42 -2.83 -6.38
CAU Y01 J . -2.95 -4.84 -6.42
CAS Y01 J . -3.74 -4.50 -7.68
CBF Y01 J . -4.94 -3.56 -7.45
CBD Y01 J . -4.49 -2.31 -6.66
CAK Y01 J . -5.68 -1.41 -6.31
CAI Y01 J . -6.86 -1.58 -7.20
CAZ Y01 J . -6.84 -2.20 -8.37
CAV Y01 J . -7.90 -1.96 -9.41
CBH Y01 J . -5.76 -3.23 -8.72
CAD Y01 J . -4.90 -2.67 -9.87
CAT Y01 J . -6.50 -4.51 -9.21
CAR Y01 J . -7.58 -4.27 -10.27
CBC Y01 J . -8.59 -3.24 -9.82
OAW Y01 J . -9.48 -2.92 -10.94
CAY Y01 J . -10.59 -2.21 -10.71
OAG Y01 J . -10.89 -1.78 -9.62
CAM Y01 J . -11.39 -1.98 -11.95
CAL Y01 J . -12.10 -0.65 -12.02
CAX Y01 J . -13.39 -0.67 -12.83
OAH Y01 J . -13.40 -0.09 -13.94
OAF Y01 J . -14.38 -1.26 -12.34
CAA Y01 K . -1.31 -7.27 1.65
CBA Y01 K . -1.18 -6.20 2.72
CAB Y01 K . 0.27 -5.79 2.89
CAN Y01 K . -2.05 -4.98 2.41
CAJ Y01 K . -3.53 -5.23 2.21
CAO Y01 K . -4.30 -3.95 1.96
CBB Y01 K . -5.74 -4.12 1.44
CAC Y01 K . -6.69 -3.36 2.36
CBE Y01 K . -5.90 -3.71 -0.04
CAP Y01 K . -4.86 -4.39 -0.97
CAQ Y01 K . -5.59 -4.93 -2.21
CBG Y01 K . -6.84 -4.05 -2.24
CBI Y01 K . -7.27 -3.95 -0.76
CAE Y01 K . -7.91 -5.27 -0.27
CAU Y01 K . -8.29 -2.80 -0.74
CAS Y01 K . -9.52 -3.10 -1.62
CBF Y01 K . -9.17 -3.46 -3.08
CBD Y01 K . -7.96 -4.41 -3.20
CAK Y01 K . -7.46 -4.37 -4.63
CAI Y01 K . -8.59 -4.42 -5.62
CAZ Y01 K . -9.86 -4.45 -5.29
CAV Y01 K . -10.92 -4.83 -6.30
CBH Y01 K . -10.37 -4.00 -3.91
CAD Y01 K . -11.08 -5.19 -3.24
CAT Y01 K . -11.38 -2.88 -4.20
CAR Y01 K . -12.48 -3.25 -5.20
CBC Y01 K . -11.91 -3.71 -6.52
OAW Y01 K . -13.01 -4.18 -7.36
CAY Y01 K . -12.79 -4.56 -8.61
OAG Y01 K . -11.71 -4.63 -9.13
CAM Y01 K . -14.07 -4.87 -9.33
CAL Y01 K . -14.32 -4.06 -10.58
CAX Y01 K . -15.65 -4.34 -11.26
OAH Y01 K . -15.92 -3.72 -12.31
OAF Y01 K . -16.42 -5.18 -10.74
C11 A1BKU L . 0.45 -23.68 8.80
C13 A1BKU L . 1.60 -21.48 9.74
C17 A1BKU L . 3.75 -20.41 12.53
C19 A1BKU L . 3.00 -19.44 10.65
C01 A1BKU L . 3.50 -27.59 11.53
C02 A1BKU L . 2.97 -26.41 11.15
C03 A1BKU L . 3.27 -25.09 11.83
C04 A1BKU L . 2.03 -26.10 9.96
C06 A1BKU L . 0.16 -25.06 9.06
C07 A1BKU L . -0.70 -25.80 8.23
C08 A1BKU L . -1.28 -25.23 7.09
C09 A1BKU L . -1.01 -23.91 6.81
C10 A1BKU L . -0.18 -23.16 7.65
C15 A1BKU L . 2.52 -20.76 10.73
C20 A1BKU L . 2.82 -18.38 9.66
N12 A1BKU L . 1.34 -22.92 9.70
N16 A1BKU L . 3.00 -21.33 11.92
N18 A1BKU L . 3.79 -19.21 11.80
O05 A1BKU L . 0.70 -25.69 10.17
O14 A1BKU L . 1.03 -20.77 8.92
C11 A1BKU M . 5.30 -7.47 3.18
C13 A1BKU M . 6.80 -6.87 5.23
C17 A1BKU M . 6.84 -7.48 8.83
C19 A1BKU M . 8.30 -6.59 7.37
C01 A1BKU M . 1.92 -10.52 6.14
C02 A1BKU M . 1.77 -9.64 5.14
C03 A1BKU M . 0.49 -8.90 4.82
C04 A1BKU M . 2.81 -9.22 4.11
C06 A1BKU M . 3.96 -7.68 2.76
C07 A1BKU M . 3.59 -7.70 1.41
C08 A1BKU M . 4.55 -7.50 0.40
C09 A1BKU M . 5.87 -7.28 0.77
C10 A1BKU M . 6.22 -7.28 2.12
C15 A1BKU M . 7.12 -6.98 6.70
C20 A1BKU M . 9.56 -5.97 6.93
N12 A1BKU M . 5.67 -7.48 4.59
N16 A1BKU M . 6.24 -7.52 7.64
N18 A1BKU M . 8.12 -6.91 8.74
O05 A1BKU M . 2.97 -7.89 3.73
O14 A1BKU M . 7.58 -6.23 4.56
C1 CLR N . 13.82 1.22 -1.20
C2 CLR N . 15.17 1.74 -0.72
C3 CLR N . 15.23 3.25 -0.76
C4 CLR N . 14.10 3.83 0.05
C5 CLR N . 12.75 3.30 -0.40
C6 CLR N . 11.80 4.13 -0.79
C7 CLR N . 10.38 3.75 -1.04
C8 CLR N . 10.09 2.28 -0.75
C9 CLR N . 11.29 1.41 -1.19
C10 CLR N . 12.60 1.79 -0.43
C11 CLR N . 10.95 -0.09 -1.15
C12 CLR N . 9.65 -0.44 -1.87
C13 CLR N . 8.45 0.36 -1.33
C14 CLR N . 8.85 1.84 -1.51
C15 CLR N . 7.56 2.64 -1.36
C16 CLR N . 6.44 1.65 -1.72
C17 CLR N . 7.13 0.33 -2.16
C18 CLR N . 8.18 0.00 0.16
C19 CLR N . 12.62 1.28 1.03
C20 CLR N . 6.21 -0.92 -2.10
C21 CLR N . 6.79 -2.11 -2.83
C22 CLR N . 4.79 -0.61 -2.64
C23 CLR N . 4.69 -0.20 -4.11
C24 CLR N . 3.30 -0.42 -4.71
C25 CLR N . 2.24 0.68 -4.53
C26 CLR N . 2.09 1.14 -3.09
C27 CLR N . 0.90 0.20 -5.05
O1 CLR N . 16.50 3.71 -0.26
C1 CLR O . -14.95 -32.76 0.67
C2 CLR O . -16.24 -33.45 0.24
C3 CLR O . -16.05 -34.94 0.13
C4 CLR O . -15.55 -35.49 1.45
C5 CLR O . -14.30 -34.79 1.92
C6 CLR O . -13.19 -35.47 2.18
C7 CLR O . -11.98 -34.92 2.84
C8 CLR O . -12.15 -33.47 3.29
C9 CLR O . -12.95 -32.69 2.24
C10 CLR O . -14.38 -33.27 2.02
C11 CLR O . -12.93 -31.17 2.51
C12 CLR O . -11.52 -30.60 2.74
C13 CLR O . -10.78 -31.33 3.87
C14 CLR O . -10.78 -32.82 3.46
C15 CLR O . -9.78 -33.49 4.40
C16 CLR O . -8.76 -32.37 4.70
C17 CLR O . -9.25 -31.09 3.97
C18 CLR O . -11.47 -31.08 5.23
C19 CLR O . -15.35 -32.92 3.16
C20 CLR O . -8.67 -29.80 4.61
C21 CLR O . -9.22 -28.52 3.98
C22 CLR O . -7.15 -29.76 4.53
C23 CLR O . -6.47 -28.88 5.54
C24 CLR O . -4.97 -29.07 5.57
C25 CLR O . -4.22 -28.27 6.63
C26 CLR O . -4.44 -26.78 6.47
C27 CLR O . -2.73 -28.59 6.61
O1 CLR O . -17.29 -35.57 -0.23
C1 CLR P . -11.81 -35.27 -2.14
C2 CLR P . -12.95 -35.50 -3.14
C3 CLR P . -13.83 -34.29 -3.29
C4 CLR P . -13.01 -33.08 -3.67
C5 CLR P . -11.87 -32.86 -2.69
C6 CLR P . -11.75 -31.72 -2.03
C7 CLR P . -10.48 -31.25 -1.38
C8 CLR P . -9.39 -32.30 -1.38
C9 CLR P . -10.02 -33.71 -1.24
C10 CLR P . -10.93 -34.04 -2.47
C11 CLR P . -8.97 -34.80 -0.93
C12 CLR P . -8.00 -34.43 0.19
C13 CLR P . -7.30 -33.10 -0.07
C14 CLR P . -8.44 -32.06 -0.21
C15 CLR P . -7.75 -30.71 -0.11
C16 CLR P . -6.52 -30.96 0.78
C17 CLR P . -6.52 -32.47 1.13
C18 CLR P . -6.40 -33.19 -1.31
C19 CLR P . -10.14 -34.30 -3.76
C20 CLR P . -5.11 -33.00 1.49
C21 CLR P . -5.07 -34.51 1.68
C22 CLR P . -4.56 -32.31 2.75
C23 CLR P . -3.06 -32.32 2.89
C24 CLR P . -2.59 -31.72 4.20
C25 CLR P . -1.08 -31.74 4.46
C26 CLR P . -0.50 -33.14 4.35
C27 CLR P . -0.35 -30.79 3.53
O1 CLR P . -14.82 -34.54 -4.30
#